data_2H0B
#
_entry.id   2H0B
#
_cell.length_a   60.032
_cell.length_b   61.586
_cell.length_c   66.640
_cell.angle_alpha   78.47
_cell.angle_beta   78.74
_cell.angle_gamma   84.68
#
_symmetry.space_group_name_H-M   'P 1'
#
loop_
_entity.id
_entity.type
_entity.pdbx_description
1 polymer Neurexin-1-alpha
2 non-polymer 'CALCIUM ION'
3 non-polymer GLYCEROL
4 water water
#
_entity_poly.entity_id   1
_entity_poly.type   'polypeptide(L)'
_entity_poly.pdbx_seq_one_letter_code
;GSKEEYIATFKGSEYFCYDLSQNPIQSSSDEITLSFKTLQRNGL(MSE)LHTGKSADYVNLALKNGAVSLVINLGSGAFE
ALVEPVNGKFNDNAWHDVKVTRNLRQVTISVDGILTTTGYTQEDYT(MSE)LGSDDFFYVGGSPSTADLPGSPVSNNF
(MSE)GCLKEVVYKNNDVRLELSRLAKQGDPK(MSE)KIHGV
;
_entity_poly.pdbx_strand_id   A,B,C,D
#
loop_
_chem_comp.id
_chem_comp.type
_chem_comp.name
_chem_comp.formula
CA non-polymer 'CALCIUM ION' 'Ca 2'
GOL non-polymer GLYCEROL 'C3 H8 O3'
#
# COMPACT_ATOMS: atom_id res chain seq x y z
N GLU A 4 31.46 44.21 -4.35
CA GLU A 4 30.80 43.67 -3.14
C GLU A 4 30.53 42.18 -3.31
N GLU A 5 31.21 41.37 -2.50
CA GLU A 5 30.91 39.95 -2.42
C GLU A 5 29.82 39.78 -1.36
N TYR A 6 29.15 38.62 -1.38
CA TYR A 6 28.06 38.34 -0.47
C TYR A 6 28.37 37.07 0.27
N ILE A 7 28.81 37.25 1.52
CA ILE A 7 29.40 36.19 2.31
C ILE A 7 28.42 35.89 3.42
N ALA A 8 28.18 34.60 3.64
CA ALA A 8 27.33 34.15 4.70
C ALA A 8 28.12 33.17 5.55
N THR A 9 27.90 33.25 6.85
CA THR A 9 28.57 32.38 7.81
C THR A 9 27.57 31.40 8.42
N PHE A 10 27.92 30.12 8.41
CA PHE A 10 27.06 29.07 8.98
C PHE A 10 27.77 28.44 10.14
N LYS A 11 27.02 28.12 11.19
CA LYS A 11 27.60 27.65 12.43
C LYS A 11 27.11 26.23 12.73
N GLY A 12 26.45 25.59 11.76
CA GLY A 12 26.05 24.20 11.93
C GLY A 12 24.56 23.98 12.07
N SER A 13 23.83 25.02 12.48
CA SER A 13 22.38 24.94 12.61
C SER A 13 21.61 25.90 11.68
N GLU A 14 22.26 26.43 10.64
CA GLU A 14 21.61 27.46 9.84
C GLU A 14 21.63 27.04 8.39
N TYR A 15 20.73 27.65 7.59
CA TYR A 15 20.70 27.52 6.12
C TYR A 15 19.84 28.61 5.46
N PHE A 16 20.03 28.83 4.15
CA PHE A 16 19.12 29.67 3.34
C PHE A 16 18.23 28.74 2.56
N CYS A 17 17.03 29.21 2.27
CA CYS A 17 16.03 28.38 1.66
C CYS A 17 15.32 29.24 0.61
N TYR A 18 15.63 29.01 -0.67
CA TYR A 18 14.98 29.74 -1.74
C TYR A 18 13.83 28.92 -2.34
N ASP A 19 12.64 29.52 -2.38
CA ASP A 19 11.42 28.82 -2.75
C ASP A 19 11.25 28.76 -4.28
N LEU A 20 11.28 27.55 -4.81
CA LEU A 20 11.18 27.32 -6.25
C LEU A 20 9.76 26.96 -6.74
N SER A 21 8.79 26.96 -5.84
CA SER A 21 7.46 26.43 -6.16
C SER A 21 6.73 27.20 -7.26
N GLN A 22 6.98 28.50 -7.33
CA GLN A 22 6.31 29.33 -8.33
C GLN A 22 7.18 29.58 -9.57
N ASN A 23 8.48 29.32 -9.46
CA ASN A 23 9.35 29.37 -10.63
C ASN A 23 10.25 28.16 -10.64
N PRO A 24 9.70 27.02 -11.07
CA PRO A 24 10.44 25.76 -11.04
C PRO A 24 11.70 25.81 -11.88
N ILE A 25 12.75 25.15 -11.42
CA ILE A 25 13.89 24.89 -12.27
C ILE A 25 13.51 23.83 -13.32
N GLN A 26 13.79 24.14 -14.59
CA GLN A 26 13.58 23.23 -15.71
C GLN A 26 14.72 23.48 -16.68
N SER A 27 15.77 22.68 -16.56
CA SER A 27 17.06 23.02 -17.12
C SER A 27 17.76 21.85 -17.80
N SER A 28 18.20 22.05 -19.04
CA SER A 28 18.99 21.02 -19.72
C SER A 28 20.50 21.32 -19.69
N SER A 29 20.86 22.43 -19.07
CA SER A 29 22.25 22.80 -18.86
C SER A 29 22.33 23.93 -17.84
N ASP A 30 23.24 23.78 -16.89
CA ASP A 30 23.31 24.55 -15.66
C ASP A 30 24.75 24.99 -15.44
N GLU A 31 24.92 25.99 -14.59
CA GLU A 31 26.21 26.25 -13.97
C GLU A 31 26.02 26.64 -12.51
N ILE A 32 26.93 26.18 -11.66
CA ILE A 32 26.94 26.59 -10.27
C ILE A 32 28.33 27.00 -9.88
N THR A 33 28.43 28.18 -9.26
CA THR A 33 29.69 28.66 -8.71
C THR A 33 29.47 29.13 -7.29
N LEU A 34 30.51 29.00 -6.48
CA LEU A 34 30.51 29.49 -5.10
C LEU A 34 31.97 29.48 -4.66
N SER A 35 32.25 30.09 -3.53
CA SER A 35 33.47 29.79 -2.80
C SER A 35 33.10 29.36 -1.38
N PHE A 36 33.93 28.52 -0.79
CA PHE A 36 33.68 28.02 0.56
C PHE A 36 34.95 28.13 1.43
N LYS A 37 34.75 28.19 2.74
CA LYS A 37 35.84 28.28 3.72
C LYS A 37 35.38 27.53 4.96
N THR A 38 36.17 26.55 5.42
CA THR A 38 35.75 25.71 6.54
C THR A 38 36.91 25.00 7.24
N LEU A 39 36.68 24.60 8.48
CA LEU A 39 37.62 23.75 9.19
C LEU A 39 37.08 22.34 9.27
N GLN A 40 35.82 22.16 8.87
CA GLN A 40 35.12 20.88 9.07
C GLN A 40 35.28 19.99 7.86
N ARG A 41 35.35 18.68 8.11
CA ARG A 41 35.49 17.65 7.09
C ARG A 41 34.21 17.42 6.33
N ASN A 42 33.07 17.62 7.00
CA ASN A 42 31.75 17.33 6.45
C ASN A 42 30.76 18.50 6.54
N GLY A 43 29.97 18.71 5.51
CA GLY A 43 29.00 19.81 5.53
C GLY A 43 28.32 19.96 4.20
N LEU A 44 27.04 20.32 4.23
CA LEU A 44 26.27 20.55 3.03
C LEU A 44 26.49 21.96 2.54
N MSE A 45 26.96 22.10 1.32
CA MSE A 45 27.09 23.43 0.76
C MSE A 45 25.78 23.84 0.11
O MSE A 45 25.23 24.91 0.40
CB MSE A 45 28.24 23.50 -0.23
CG MSE A 45 29.59 23.12 0.38
SE MSE A 45 30.99 23.35 -0.99
CE MSE A 45 32.30 22.08 -0.20
N LEU A 46 25.24 22.98 -0.76
CA LEU A 46 23.97 23.29 -1.40
C LEU A 46 23.21 22.10 -1.95
N HIS A 47 21.90 22.23 -2.03
CA HIS A 47 21.06 21.18 -2.54
C HIS A 47 19.79 21.74 -3.17
N THR A 48 19.37 21.11 -4.25
CA THR A 48 18.01 21.30 -4.71
C THR A 48 17.50 20.01 -5.32
N GLY A 49 16.22 19.74 -5.05
CA GLY A 49 15.49 18.68 -5.72
C GLY A 49 15.07 17.54 -4.80
N LYS A 50 14.06 16.81 -5.23
CA LYS A 50 13.57 15.63 -4.52
C LYS A 50 13.39 14.48 -5.50
N SER A 51 13.08 13.29 -4.97
CA SER A 51 12.86 12.11 -5.78
C SER A 51 14.12 11.81 -6.60
N ALA A 52 14.01 11.76 -7.92
CA ALA A 52 15.16 11.36 -8.73
C ALA A 52 15.82 12.51 -9.50
N ASP A 53 15.36 13.75 -9.29
CA ASP A 53 15.98 14.95 -9.90
C ASP A 53 16.56 15.85 -8.82
N TYR A 54 17.89 15.88 -8.74
CA TYR A 54 18.57 16.63 -7.69
C TYR A 54 20.00 16.97 -8.03
N VAL A 55 20.48 17.99 -7.31
CA VAL A 55 21.85 18.39 -7.27
C VAL A 55 22.22 18.53 -5.79
N ASN A 56 23.28 17.86 -5.38
CA ASN A 56 23.75 17.93 -4.02
C ASN A 56 25.23 18.24 -4.01
N LEU A 57 25.62 19.33 -3.35
CA LEU A 57 27.05 19.70 -3.21
C LEU A 57 27.47 19.82 -1.74
N ALA A 58 28.56 19.14 -1.39
CA ALA A 58 28.94 18.97 0.02
C ALA A 58 30.44 18.74 0.13
N LEU A 59 31.00 19.03 1.30
CA LEU A 59 32.31 18.50 1.65
C LEU A 59 32.04 17.18 2.36
N LYS A 60 32.75 16.13 1.96
CA LYS A 60 32.54 14.81 2.45
C LYS A 60 33.92 14.24 2.79
N ASN A 61 34.20 14.16 4.09
CA ASN A 61 35.50 13.70 4.56
C ASN A 61 36.65 14.47 3.90
N GLY A 62 36.46 15.78 3.79
CA GLY A 62 37.45 16.71 3.27
C GLY A 62 37.50 16.87 1.76
N ALA A 63 36.74 16.04 1.04
CA ALA A 63 36.72 16.15 -0.41
C ALA A 63 35.42 16.83 -0.86
N VAL A 64 35.50 17.56 -1.97
CA VAL A 64 34.31 18.14 -2.57
C VAL A 64 33.50 17.08 -3.33
N SER A 65 32.24 17.00 -2.95
CA SER A 65 31.38 15.92 -3.43
C SER A 65 30.19 16.51 -4.14
N LEU A 66 29.90 15.99 -5.31
CA LEU A 66 28.79 16.49 -6.09
C LEU A 66 28.03 15.27 -6.54
N VAL A 67 26.72 15.29 -6.34
CA VAL A 67 25.88 14.24 -6.86
C VAL A 67 24.74 14.86 -7.61
N ILE A 68 24.55 14.43 -8.85
CA ILE A 68 23.50 14.94 -9.69
C ILE A 68 22.78 13.79 -10.33
N ASN A 69 21.45 13.88 -10.31
CA ASN A 69 20.57 12.96 -10.99
C ASN A 69 19.52 13.75 -11.83
N LEU A 70 19.32 13.36 -13.09
CA LEU A 70 18.35 14.00 -13.99
C LEU A 70 17.08 13.17 -14.18
N GLY A 71 16.99 12.08 -13.42
CA GLY A 71 15.79 11.28 -13.38
C GLY A 71 16.00 9.89 -13.93
N SER A 72 17.17 9.65 -14.52
CA SER A 72 17.47 8.31 -15.05
C SER A 72 18.77 7.74 -14.50
N GLY A 73 19.19 8.16 -13.30
CA GLY A 73 20.39 7.65 -12.66
C GLY A 73 21.43 8.71 -12.32
N ALA A 74 21.98 8.62 -11.10
CA ALA A 74 22.91 9.62 -10.60
C ALA A 74 24.35 9.44 -11.04
N PHE A 75 25.05 10.58 -11.13
CA PHE A 75 26.51 10.65 -11.23
C PHE A 75 27.02 11.22 -9.90
N GLU A 76 28.12 10.66 -9.40
CA GLU A 76 28.73 11.11 -8.17
C GLU A 76 30.17 11.45 -8.51
N ALA A 77 30.53 12.71 -8.31
CA ALA A 77 31.86 13.21 -8.58
C ALA A 77 32.49 13.62 -7.25
N LEU A 78 33.71 13.19 -7.04
CA LEU A 78 34.50 13.61 -5.90
C LEU A 78 35.72 14.38 -6.38
N VAL A 79 36.06 15.46 -5.70
CA VAL A 79 37.35 16.10 -5.95
C VAL A 79 38.18 16.07 -4.67
N GLU A 80 39.34 15.42 -4.75
CA GLU A 80 40.24 15.30 -3.61
C GLU A 80 41.29 16.41 -3.64
N PRO A 81 41.75 16.89 -2.48
CA PRO A 81 42.86 17.85 -2.42
C PRO A 81 44.17 17.13 -2.75
N VAL A 82 45.19 17.89 -3.11
CA VAL A 82 46.51 17.35 -3.43
C VAL A 82 47.54 17.76 -2.36
N ASN A 83 47.78 19.06 -2.23
CA ASN A 83 48.70 19.56 -1.20
C ASN A 83 47.87 20.17 -0.10
N GLY A 84 48.02 19.67 1.11
CA GLY A 84 47.16 20.11 2.20
C GLY A 84 45.71 19.73 2.00
N LYS A 85 44.82 20.60 2.47
CA LYS A 85 43.43 20.26 2.67
C LYS A 85 42.50 21.37 2.22
N PHE A 86 41.29 20.99 1.82
CA PHE A 86 40.17 21.91 1.55
C PHE A 86 39.56 22.52 2.82
N ASN A 87 39.57 21.76 3.93
CA ASN A 87 39.04 22.27 5.19
C ASN A 87 40.17 22.93 5.98
N ASP A 88 40.90 23.84 5.32
CA ASP A 88 42.03 24.52 5.92
C ASP A 88 41.69 25.98 6.26
N ASN A 89 40.39 26.30 6.23
CA ASN A 89 39.93 27.65 6.51
C ASN A 89 40.52 28.73 5.60
N ALA A 90 40.91 28.33 4.38
CA ALA A 90 41.20 29.31 3.32
C ALA A 90 40.06 29.17 2.31
N TRP A 91 39.84 30.20 1.50
CA TRP A 91 38.75 30.16 0.52
C TRP A 91 39.07 29.23 -0.63
N HIS A 92 38.10 28.42 -1.05
CA HIS A 92 38.29 27.59 -2.25
C HIS A 92 37.11 27.79 -3.16
N ASP A 93 37.41 28.02 -4.45
CA ASP A 93 36.39 28.25 -5.45
C ASP A 93 35.91 26.96 -6.08
N VAL A 94 34.59 26.84 -6.20
CA VAL A 94 33.97 25.68 -6.85
C VAL A 94 33.21 26.08 -8.08
N LYS A 95 33.35 25.29 -9.13
CA LYS A 95 32.55 25.51 -10.32
C LYS A 95 32.04 24.19 -10.87
N VAL A 96 30.73 24.13 -11.04
CA VAL A 96 30.05 22.96 -11.58
C VAL A 96 29.40 23.36 -12.90
N THR A 97 29.78 22.69 -13.98
CA THR A 97 29.24 22.96 -15.31
C THR A 97 28.60 21.71 -15.86
N ARG A 98 27.34 21.84 -16.28
CA ARG A 98 26.60 20.71 -16.80
C ARG A 98 25.93 21.07 -18.11
N ASN A 99 26.23 20.30 -19.15
CA ASN A 99 25.57 20.46 -20.44
C ASN A 99 24.93 19.13 -20.78
N LEU A 100 23.59 19.12 -20.77
CA LEU A 100 22.80 17.90 -20.83
C LEU A 100 23.26 16.94 -19.74
N ARG A 101 23.87 15.80 -20.10
CA ARG A 101 24.29 14.79 -19.10
C ARG A 101 25.76 14.94 -18.72
N GLN A 102 26.50 15.77 -19.44
CA GLN A 102 27.92 15.96 -19.15
C GLN A 102 28.17 16.88 -17.97
N VAL A 103 28.84 16.36 -16.96
CA VAL A 103 29.06 17.11 -15.73
C VAL A 103 30.54 17.31 -15.45
N THR A 104 30.89 18.53 -15.05
CA THR A 104 32.25 18.85 -14.69
C THR A 104 32.24 19.70 -13.44
N ILE A 105 33.08 19.31 -12.49
CA ILE A 105 33.30 20.13 -11.32
C ILE A 105 34.79 20.42 -11.19
N SER A 106 35.10 21.67 -10.90
CA SER A 106 36.47 22.08 -10.69
C SER A 106 36.56 22.83 -9.41
N VAL A 107 37.65 22.60 -8.68
CA VAL A 107 37.92 23.29 -7.44
C VAL A 107 39.24 24.02 -7.59
N ASP A 108 39.24 25.31 -7.27
CA ASP A 108 40.43 26.14 -7.37
C ASP A 108 41.01 26.12 -8.77
N GLY A 109 40.12 26.09 -9.77
CA GLY A 109 40.51 26.03 -11.18
C GLY A 109 41.11 24.70 -11.62
N ILE A 110 42.22 24.30 -10.99
CA ILE A 110 43.03 23.13 -11.40
C ILE A 110 42.43 21.72 -11.15
N LEU A 111 41.75 21.54 -10.02
CA LEU A 111 41.36 20.18 -9.60
C LEU A 111 39.99 19.79 -10.13
N THR A 112 39.96 18.91 -11.13
CA THR A 112 38.75 18.70 -11.93
C THR A 112 38.37 17.22 -12.05
N THR A 113 37.10 16.92 -11.77
CA THR A 113 36.50 15.63 -12.04
C THR A 113 35.36 15.82 -13.03
N THR A 114 35.33 14.99 -14.05
CA THR A 114 34.31 15.08 -15.08
C THR A 114 33.67 13.73 -15.37
N GLY A 115 32.36 13.73 -15.68
CA GLY A 115 31.60 12.52 -15.98
C GLY A 115 30.26 12.79 -16.65
N TYR A 116 29.32 11.87 -16.49
CA TYR A 116 27.99 11.99 -17.10
C TYR A 116 26.99 11.36 -16.15
N THR A 117 25.81 11.96 -16.04
CA THR A 117 24.68 11.27 -15.38
C THR A 117 24.30 10.08 -16.25
N GLN A 118 23.54 9.15 -15.67
CA GLN A 118 23.24 7.88 -16.30
C GLN A 118 22.19 7.98 -17.39
N GLU A 119 22.41 7.17 -18.41
CA GLU A 119 21.43 6.85 -19.44
C GLU A 119 21.01 8.04 -20.28
N ASP A 120 19.72 8.38 -20.33
CA ASP A 120 19.24 9.26 -21.39
C ASP A 120 18.65 10.61 -20.97
N TYR A 121 18.30 10.78 -19.70
CA TYR A 121 17.61 12.01 -19.30
C TYR A 121 18.57 13.20 -19.32
N THR A 122 18.11 14.32 -19.86
CA THR A 122 18.94 15.52 -19.94
C THR A 122 18.42 16.70 -19.12
N MSE A 123 17.19 16.59 -18.62
CA MSE A 123 16.50 17.71 -17.98
C MSE A 123 16.41 17.60 -16.46
O MSE A 123 15.90 16.62 -15.93
CB MSE A 123 15.09 17.84 -18.56
CG MSE A 123 15.02 18.57 -19.90
SE MSE A 123 14.60 20.46 -19.57
CE MSE A 123 14.43 21.01 -21.45
N LEU A 124 16.90 18.63 -15.77
CA LEU A 124 16.73 18.73 -14.30
C LEU A 124 15.47 19.54 -13.95
N GLY A 125 14.53 18.89 -13.26
CA GLY A 125 13.30 19.56 -12.80
C GLY A 125 13.28 19.71 -11.30
N SER A 126 12.97 20.92 -10.80
CA SER A 126 12.87 21.14 -9.36
C SER A 126 11.97 22.31 -9.02
N ASP A 127 10.86 22.03 -8.34
CA ASP A 127 9.97 23.09 -7.83
C ASP A 127 9.95 23.11 -6.30
N ASP A 128 11.03 22.62 -5.69
CA ASP A 128 11.10 22.49 -4.25
C ASP A 128 11.72 23.71 -3.55
N PHE A 129 12.97 23.56 -3.11
CA PHE A 129 13.73 24.67 -2.55
C PHE A 129 15.16 24.56 -3.02
N PHE A 130 15.82 25.70 -3.16
CA PHE A 130 17.26 25.70 -3.26
C PHE A 130 17.81 25.90 -1.83
N TYR A 131 18.52 24.91 -1.31
CA TYR A 131 19.11 25.03 0.04
C TYR A 131 20.59 25.38 -0.06
N VAL A 132 21.01 26.27 0.83
CA VAL A 132 22.39 26.72 0.92
C VAL A 132 22.84 26.63 2.38
N GLY A 133 23.93 25.91 2.63
CA GLY A 133 24.55 25.89 3.94
C GLY A 133 23.96 24.84 4.85
N GLY A 134 22.86 24.20 4.41
CA GLY A 134 22.20 23.16 5.22
C GLY A 134 20.76 23.03 4.78
N SER A 135 19.96 22.32 5.58
CA SER A 135 18.55 22.05 5.29
C SER A 135 17.92 21.55 6.59
N PRO A 136 16.58 21.45 6.62
CA PRO A 136 15.85 20.91 7.78
C PRO A 136 16.28 19.50 8.21
N SER A 137 16.64 18.66 7.25
CA SER A 137 17.18 17.35 7.57
C SER A 137 18.09 16.85 6.48
N THR A 138 19.35 17.20 6.61
CA THR A 138 20.37 17.01 5.58
C THR A 138 20.64 15.53 5.24
N ALA A 139 20.60 14.65 6.26
CA ALA A 139 20.83 13.23 6.05
C ALA A 139 19.87 12.64 5.03
N ASP A 140 18.64 13.17 5.02
CA ASP A 140 17.54 12.65 4.21
C ASP A 140 17.43 13.23 2.83
N LEU A 141 18.27 14.19 2.50
CA LEU A 141 18.25 14.77 1.19
C LEU A 141 18.75 13.75 0.17
N PRO A 142 18.07 13.63 -0.96
CA PRO A 142 18.47 12.67 -1.98
C PRO A 142 19.88 12.94 -2.48
N GLY A 143 20.70 11.90 -2.43
CA GLY A 143 22.07 11.97 -2.94
C GLY A 143 23.08 12.56 -1.97
N SER A 144 22.63 12.96 -0.79
CA SER A 144 23.54 13.52 0.22
C SER A 144 24.43 12.45 0.88
N PRO A 145 25.75 12.66 0.83
CA PRO A 145 26.70 11.77 1.55
C PRO A 145 26.95 12.18 3.01
N VAL A 146 26.31 13.25 3.45
CA VAL A 146 26.57 13.80 4.79
C VAL A 146 25.27 14.12 5.53
N SER A 147 25.36 14.28 6.84
CA SER A 147 24.20 14.68 7.60
C SER A 147 24.41 16.06 8.24
N ASN A 148 25.62 16.57 8.17
CA ASN A 148 25.97 17.86 8.75
C ASN A 148 25.55 19.00 7.84
N ASN A 149 24.92 20.02 8.44
CA ASN A 149 24.84 21.33 7.79
C ASN A 149 26.26 21.89 7.73
N PHE A 150 26.46 22.92 6.91
CA PHE A 150 27.77 23.53 6.80
C PHE A 150 28.14 24.34 8.05
N MSE A 151 29.42 24.27 8.41
CA MSE A 151 29.97 25.10 9.47
C MSE A 151 31.19 25.77 8.87
O MSE A 151 32.26 25.16 8.73
CB MSE A 151 30.32 24.25 10.68
CG MSE A 151 30.66 25.06 11.88
SE MSE A 151 31.00 23.94 13.40
CE MSE A 151 30.48 25.26 14.81
N GLY A 152 30.99 27.00 8.45
CA GLY A 152 32.00 27.78 7.76
C GLY A 152 31.33 28.85 6.91
N CYS A 153 32.05 29.40 5.96
CA CYS A 153 31.51 30.49 5.17
C CYS A 153 31.30 30.05 3.75
N LEU A 154 30.25 30.59 3.13
CA LEU A 154 29.97 30.39 1.71
C LEU A 154 29.75 31.76 1.09
N LYS A 155 30.36 32.02 -0.06
CA LYS A 155 30.14 33.29 -0.75
C LYS A 155 29.87 33.08 -2.21
N GLU A 156 29.16 34.05 -2.77
CA GLU A 156 28.95 34.20 -4.21
C GLU A 156 28.28 32.98 -4.82
N VAL A 157 27.35 32.38 -4.07
CA VAL A 157 26.60 31.25 -4.57
C VAL A 157 25.71 31.72 -5.72
N VAL A 158 25.92 31.13 -6.89
CA VAL A 158 25.13 31.45 -8.06
C VAL A 158 24.74 30.17 -8.75
N TYR A 159 23.44 29.99 -8.99
CA TYR A 159 22.96 28.99 -9.93
C TYR A 159 22.49 29.75 -11.15
N LYS A 160 22.81 29.25 -12.34
CA LYS A 160 22.26 29.83 -13.54
C LYS A 160 22.07 28.80 -14.65
N ASN A 161 21.04 29.01 -15.44
CA ASN A 161 20.88 28.28 -16.68
C ASN A 161 20.59 29.32 -17.74
N ASN A 162 20.15 28.88 -18.91
CA ASN A 162 19.92 29.80 -20.03
C ASN A 162 18.74 30.76 -19.79
N ASP A 163 17.84 30.38 -18.88
CA ASP A 163 16.63 31.15 -18.62
C ASP A 163 16.73 32.03 -17.38
N VAL A 164 17.38 31.51 -16.34
CA VAL A 164 17.41 32.16 -15.03
C VAL A 164 18.83 32.30 -14.44
N ARG A 165 19.03 33.32 -13.63
CA ARG A 165 20.26 33.50 -12.87
C ARG A 165 19.85 33.76 -11.42
N LEU A 166 20.19 32.82 -10.52
CA LEU A 166 19.83 32.95 -9.11
C LEU A 166 21.06 33.28 -8.29
N GLU A 167 21.18 34.53 -7.89
CA GLU A 167 22.31 35.00 -7.11
C GLU A 167 21.98 34.77 -5.63
N LEU A 168 22.05 33.50 -5.24
CA LEU A 168 21.53 33.06 -3.95
C LEU A 168 22.15 33.80 -2.78
N SER A 169 23.48 33.96 -2.79
CA SER A 169 24.18 34.70 -1.71
C SER A 169 23.74 36.16 -1.64
N ARG A 170 23.59 36.79 -2.81
CA ARG A 170 23.14 38.18 -2.85
C ARG A 170 21.71 38.25 -2.33
N LEU A 171 20.85 37.34 -2.76
CA LEU A 171 19.45 37.30 -2.34
C LEU A 171 19.30 37.09 -0.83
N ALA A 172 20.13 36.23 -0.25
CA ALA A 172 20.08 36.00 1.20
C ALA A 172 20.45 37.28 1.94
N LYS A 173 21.45 37.98 1.43
CA LYS A 173 21.95 39.19 2.07
C LYS A 173 21.00 40.35 1.86
N GLN A 174 20.57 40.56 0.61
CA GLN A 174 19.72 41.70 0.29
C GLN A 174 18.24 41.52 0.58
N GLY A 175 17.79 40.27 0.71
CA GLY A 175 16.37 39.99 0.94
C GLY A 175 15.54 39.74 -0.31
N ASP A 176 14.58 38.81 -0.20
CA ASP A 176 13.65 38.47 -1.29
C ASP A 176 12.42 37.77 -0.71
N PRO A 177 11.23 38.01 -1.27
CA PRO A 177 10.02 37.30 -0.83
C PRO A 177 10.13 35.77 -0.85
N LYS A 178 10.92 35.23 -1.76
CA LYS A 178 11.11 33.79 -1.88
C LYS A 178 12.32 33.24 -1.09
N MSE A 179 13.10 34.14 -0.50
CA MSE A 179 14.31 33.77 0.23
C MSE A 179 14.07 33.81 1.75
O MSE A 179 13.61 34.82 2.29
CB MSE A 179 15.44 34.71 -0.18
CG MSE A 179 16.75 34.54 0.56
SE MSE A 179 17.54 32.77 0.45
CE MSE A 179 18.23 32.75 -1.39
N LYS A 180 14.34 32.69 2.43
CA LYS A 180 14.22 32.65 3.89
C LYS A 180 15.49 32.13 4.54
N ILE A 181 15.84 32.74 5.67
CA ILE A 181 16.99 32.33 6.45
C ILE A 181 16.52 31.63 7.72
N HIS A 182 17.07 30.45 7.97
CA HIS A 182 16.66 29.66 9.10
C HIS A 182 17.86 29.40 9.99
N GLY A 183 17.67 29.54 11.30
CA GLY A 183 18.71 29.23 12.27
C GLY A 183 18.06 28.61 13.48
N VAL A 184 18.66 27.59 14.06
CA VAL A 184 18.13 27.05 15.32
C VAL A 184 18.56 27.95 16.47
N GLU B 4 1.77 -2.97 -2.46
CA GLU B 4 2.54 -2.06 -3.37
C GLU B 4 1.65 -0.98 -3.91
N GLU B 5 2.16 0.25 -3.90
CA GLU B 5 1.56 1.31 -4.72
C GLU B 5 2.41 1.46 -5.96
N TYR B 6 1.79 1.95 -7.02
CA TYR B 6 2.48 2.19 -8.27
C TYR B 6 2.51 3.70 -8.48
N ILE B 7 3.55 4.31 -7.96
CA ILE B 7 3.71 5.76 -7.93
C ILE B 7 4.75 6.15 -8.94
N ALA B 8 4.46 7.22 -9.68
CA ALA B 8 5.40 7.75 -10.65
C ALA B 8 5.53 9.25 -10.48
N THR B 9 6.75 9.72 -10.63
CA THR B 9 7.07 11.12 -10.40
C THR B 9 7.39 11.77 -11.71
N PHE B 10 6.73 12.89 -11.98
CA PHE B 10 6.87 13.60 -13.23
C PHE B 10 7.43 14.96 -12.88
N LYS B 11 8.43 15.39 -13.63
CA LYS B 11 9.14 16.65 -13.38
C LYS B 11 8.92 17.72 -14.47
N GLY B 12 7.93 17.54 -15.33
CA GLY B 12 7.58 18.56 -16.31
C GLY B 12 7.90 18.19 -17.75
N SER B 13 8.86 17.28 -17.95
CA SER B 13 9.25 16.81 -19.29
C SER B 13 9.06 15.32 -19.51
N GLU B 14 8.21 14.66 -18.74
CA GLU B 14 8.10 13.22 -18.83
C GLU B 14 6.66 12.81 -18.94
N TYR B 15 6.42 11.65 -19.55
CA TYR B 15 5.09 11.08 -19.64
C TYR B 15 5.14 9.61 -20.02
N PHE B 16 4.08 8.87 -19.69
CA PHE B 16 3.92 7.49 -20.13
C PHE B 16 2.97 7.51 -21.29
N CYS B 17 3.16 6.56 -22.19
CA CYS B 17 2.42 6.50 -23.42
C CYS B 17 2.08 5.03 -23.68
N TYR B 18 0.81 4.69 -23.47
CA TYR B 18 0.35 3.32 -23.71
C TYR B 18 -0.28 3.22 -25.10
N ASP B 19 0.26 2.33 -25.92
CA ASP B 19 -0.15 2.21 -27.32
C ASP B 19 -1.46 1.42 -27.43
N LEU B 20 -2.51 2.12 -27.90
CA LEU B 20 -3.87 1.55 -28.10
C LEU B 20 -4.15 1.01 -29.51
N SER B 21 -3.12 0.98 -30.35
CA SER B 21 -3.19 0.47 -31.75
C SER B 21 -3.90 -0.86 -31.91
N GLN B 22 -3.42 -1.83 -31.15
CA GLN B 22 -3.84 -3.21 -31.33
C GLN B 22 -5.16 -3.45 -30.64
N ASN B 23 -5.41 -2.75 -29.54
CA ASN B 23 -6.68 -2.92 -28.84
C ASN B 23 -7.33 -1.57 -28.59
N PRO B 24 -7.99 -1.03 -29.61
CA PRO B 24 -8.66 0.25 -29.48
C PRO B 24 -9.71 0.29 -28.38
N ILE B 25 -9.82 1.42 -27.71
CA ILE B 25 -10.99 1.70 -26.86
C ILE B 25 -12.22 1.97 -27.73
N GLN B 26 -13.28 1.19 -27.49
CA GLN B 26 -14.59 1.44 -28.06
C GLN B 26 -15.60 1.27 -26.94
N SER B 27 -15.98 2.39 -26.33
CA SER B 27 -16.60 2.34 -25.02
C SER B 27 -17.85 3.21 -24.86
N SER B 28 -18.92 2.63 -24.32
CA SER B 28 -20.12 3.39 -23.96
C SER B 28 -20.20 3.69 -22.45
N SER B 29 -19.24 3.14 -21.70
CA SER B 29 -19.19 3.27 -20.25
C SER B 29 -17.73 3.14 -19.78
N ASP B 30 -17.30 3.99 -18.86
CA ASP B 30 -15.89 4.06 -18.46
C ASP B 30 -15.80 4.42 -16.96
N GLU B 31 -14.72 4.01 -16.32
CA GLU B 31 -14.32 4.58 -15.05
C GLU B 31 -12.82 4.84 -15.05
N ILE B 32 -12.42 6.01 -14.56
CA ILE B 32 -11.01 6.37 -14.38
C ILE B 32 -10.78 6.71 -12.91
N THR B 33 -9.76 6.11 -12.28
CA THR B 33 -9.35 6.49 -10.93
C THR B 33 -7.86 6.78 -10.91
N LEU B 34 -7.45 7.66 -10.00
CA LEU B 34 -6.03 7.94 -9.78
C LEU B 34 -5.89 8.75 -8.51
N SER B 35 -4.67 8.85 -7.98
CA SER B 35 -4.37 9.92 -7.03
C SER B 35 -3.28 10.82 -7.58
N PHE B 36 -3.31 12.08 -7.18
CA PHE B 36 -2.30 13.03 -7.64
C PHE B 36 -1.74 13.83 -6.47
N LYS B 37 -0.52 14.29 -6.63
CA LYS B 37 0.16 15.08 -5.62
C LYS B 37 1.02 16.11 -6.35
N THR B 38 0.77 17.39 -6.11
CA THR B 38 1.51 18.42 -6.81
C THR B 38 1.54 19.75 -6.06
N LEU B 39 2.53 20.58 -6.40
CA LEU B 39 2.58 21.97 -5.93
C LEU B 39 2.16 22.95 -7.03
N GLN B 40 2.05 22.46 -8.26
CA GLN B 40 1.75 23.31 -9.42
C GLN B 40 0.24 23.45 -9.67
N ARG B 41 -0.16 24.65 -10.10
CA ARG B 41 -1.56 24.94 -10.39
C ARG B 41 -2.06 24.27 -11.69
N ASN B 42 -1.13 23.91 -12.58
CA ASN B 42 -1.45 23.48 -13.96
C ASN B 42 -0.64 22.24 -14.36
N GLY B 43 -1.32 21.29 -15.01
CA GLY B 43 -0.62 20.12 -15.50
C GLY B 43 -1.53 19.06 -16.04
N LEU B 44 -1.13 18.44 -17.15
CA LEU B 44 -1.85 17.30 -17.69
C LEU B 44 -1.64 16.07 -16.83
N MSE B 45 -2.74 15.50 -16.38
CA MSE B 45 -2.72 14.23 -15.66
C MSE B 45 -2.87 13.08 -16.64
O MSE B 45 -2.11 12.11 -16.59
CB MSE B 45 -3.84 14.21 -14.64
CG MSE B 45 -3.60 15.13 -13.42
SE MSE B 45 -5.12 14.96 -12.19
CE MSE B 45 -4.96 16.77 -11.28
N LEU B 46 -3.82 13.18 -17.56
CA LEU B 46 -4.02 12.10 -18.53
C LEU B 46 -4.88 12.45 -19.73
N HIS B 47 -4.64 11.76 -20.85
CA HIS B 47 -5.35 12.03 -22.09
C HIS B 47 -5.41 10.80 -22.96
N THR B 48 -6.57 10.58 -23.58
CA THR B 48 -6.62 9.72 -24.77
C THR B 48 -7.60 10.29 -25.78
N GLY B 49 -7.26 10.19 -27.06
CA GLY B 49 -8.14 10.61 -28.14
C GLY B 49 -7.68 11.72 -29.06
N LYS B 50 -8.13 11.63 -30.30
CA LYS B 50 -7.92 12.63 -31.31
C LYS B 50 -9.28 13.02 -31.88
N SER B 51 -9.29 14.10 -32.67
CA SER B 51 -10.51 14.60 -33.33
C SER B 51 -11.60 14.98 -32.34
N ALA B 52 -12.79 14.40 -32.49
CA ALA B 52 -13.91 14.73 -31.61
C ALA B 52 -14.19 13.65 -30.57
N ASP B 53 -13.24 12.72 -30.39
CA ASP B 53 -13.42 11.64 -29.42
C ASP B 53 -12.27 11.59 -28.43
N TYR B 54 -12.50 12.06 -27.21
CA TYR B 54 -11.41 12.26 -26.27
C TYR B 54 -11.85 12.36 -24.81
N VAL B 55 -10.93 11.97 -23.92
CA VAL B 55 -10.99 12.28 -22.51
C VAL B 55 -9.71 13.01 -22.12
N ASN B 56 -9.85 14.18 -21.51
CA ASN B 56 -8.72 14.95 -21.02
C ASN B 56 -8.84 15.26 -19.54
N LEU B 57 -7.78 15.00 -18.78
CA LEU B 57 -7.85 15.25 -17.33
C LEU B 57 -6.61 16.00 -16.89
N ALA B 58 -6.82 17.10 -16.19
CA ALA B 58 -5.73 18.00 -15.91
C ALA B 58 -6.02 18.76 -14.65
N LEU B 59 -4.98 19.37 -14.09
CA LEU B 59 -5.17 20.44 -13.13
C LEU B 59 -5.10 21.75 -13.91
N LYS B 60 -6.05 22.64 -13.66
CA LYS B 60 -6.20 23.85 -14.41
C LYS B 60 -6.52 24.96 -13.41
N ASN B 61 -5.54 25.86 -13.24
CA ASN B 61 -5.60 26.91 -12.23
C ASN B 61 -6.02 26.38 -10.85
N GLY B 62 -5.45 25.25 -10.46
CA GLY B 62 -5.66 24.69 -9.12
C GLY B 62 -6.87 23.75 -8.95
N ALA B 63 -7.67 23.65 -10.00
CA ALA B 63 -8.87 22.86 -9.98
C ALA B 63 -8.74 21.72 -10.97
N VAL B 64 -9.44 20.64 -10.66
CA VAL B 64 -9.41 19.44 -11.48
C VAL B 64 -10.39 19.61 -12.62
N SER B 65 -9.89 19.46 -13.81
CA SER B 65 -10.64 19.77 -14.99
C SER B 65 -10.80 18.48 -15.74
N LEU B 66 -12.01 18.19 -16.19
CA LEU B 66 -12.27 17.01 -16.99
C LEU B 66 -13.01 17.43 -18.23
N VAL B 67 -12.54 17.00 -19.38
CA VAL B 67 -13.19 17.30 -20.66
C VAL B 67 -13.35 16.00 -21.43
N ILE B 68 -14.57 15.74 -21.87
CA ILE B 68 -14.89 14.51 -22.57
C ILE B 68 -15.76 14.86 -23.75
N ASN B 69 -15.43 14.32 -24.92
CA ASN B 69 -16.22 14.47 -26.11
C ASN B 69 -16.36 13.06 -26.67
N LEU B 70 -17.58 12.70 -27.07
CA LEU B 70 -17.85 11.36 -27.58
C LEU B 70 -18.19 11.39 -29.05
N GLY B 71 -18.05 12.56 -29.64
CA GLY B 71 -18.30 12.72 -31.04
C GLY B 71 -19.29 13.80 -31.41
N SER B 72 -20.19 14.15 -30.50
CA SER B 72 -21.24 15.14 -30.81
C SER B 72 -21.19 16.34 -29.87
N GLY B 73 -20.02 16.60 -29.29
CA GLY B 73 -19.83 17.79 -28.46
C GLY B 73 -19.38 17.51 -27.03
N ALA B 74 -18.40 18.29 -26.58
CA ALA B 74 -17.73 18.11 -25.32
C ALA B 74 -18.51 18.56 -24.08
N PHE B 75 -18.29 17.86 -22.97
CA PHE B 75 -18.67 18.33 -21.65
C PHE B 75 -17.39 18.76 -20.94
N GLU B 76 -17.41 19.93 -20.30
CA GLU B 76 -16.29 20.37 -19.47
C GLU B 76 -16.70 20.47 -18.01
N ALA B 77 -16.10 19.63 -17.16
CA ALA B 77 -16.35 19.65 -15.71
C ALA B 77 -15.14 20.19 -14.99
N LEU B 78 -15.41 20.90 -13.90
CA LEU B 78 -14.36 21.45 -13.02
C LEU B 78 -14.73 21.13 -11.60
N VAL B 79 -13.79 20.55 -10.87
CA VAL B 79 -13.95 20.41 -9.42
C VAL B 79 -12.98 21.38 -8.72
N GLU B 80 -13.57 22.30 -7.94
CA GLU B 80 -12.86 23.37 -7.25
C GLU B 80 -12.51 22.95 -5.83
N PRO B 81 -11.34 23.33 -5.33
CA PRO B 81 -11.01 23.03 -3.93
C PRO B 81 -11.81 23.94 -3.03
N VAL B 82 -12.06 23.52 -1.80
CA VAL B 82 -12.82 24.41 -0.89
C VAL B 82 -12.02 24.82 0.34
N ASN B 83 -11.79 23.89 1.25
CA ASN B 83 -11.09 24.25 2.49
C ASN B 83 -9.59 23.98 2.34
N GLY B 84 -9.02 24.53 1.26
CA GLY B 84 -7.61 24.43 0.98
C GLY B 84 -7.29 24.53 -0.50
N LYS B 85 -6.22 23.83 -0.89
CA LYS B 85 -5.75 23.82 -2.27
C LYS B 85 -5.48 22.38 -2.69
N PHE B 86 -5.70 22.07 -3.96
CA PHE B 86 -5.34 20.75 -4.49
C PHE B 86 -3.85 20.62 -4.74
N ASN B 87 -3.19 21.75 -4.93
CA ASN B 87 -1.75 21.77 -5.17
C ASN B 87 -1.03 22.09 -3.88
N ASP B 88 -1.38 21.32 -2.84
CA ASP B 88 -0.80 21.48 -1.50
C ASP B 88 0.23 20.40 -1.25
N ASN B 89 0.49 19.60 -2.29
CA ASN B 89 1.47 18.53 -2.24
C ASN B 89 1.06 17.40 -1.26
N ALA B 90 -0.25 17.27 -1.06
CA ALA B 90 -0.84 16.13 -0.39
C ALA B 90 -1.53 15.32 -1.47
N TRP B 91 -1.76 14.02 -1.21
CA TRP B 91 -2.42 13.13 -2.16
C TRP B 91 -3.89 13.45 -2.30
N HIS B 92 -4.36 13.56 -3.54
CA HIS B 92 -5.79 13.74 -3.77
C HIS B 92 -6.31 12.67 -4.73
N ASP B 93 -7.39 12.01 -4.31
CA ASP B 93 -7.99 10.93 -5.10
C ASP B 93 -9.00 11.48 -6.09
N VAL B 94 -8.95 10.98 -7.33
CA VAL B 94 -9.90 11.37 -8.36
C VAL B 94 -10.60 10.13 -8.91
N LYS B 95 -11.91 10.24 -9.10
CA LYS B 95 -12.70 9.18 -9.70
C LYS B 95 -13.66 9.73 -10.74
N VAL B 96 -13.51 9.26 -11.97
CA VAL B 96 -14.34 9.71 -13.10
C VAL B 96 -15.21 8.54 -13.53
N THR B 97 -16.53 8.74 -13.51
CA THR B 97 -17.50 7.75 -13.92
C THR B 97 -18.30 8.27 -15.11
N ARG B 98 -18.38 7.46 -16.14
CA ARG B 98 -19.17 7.84 -17.31
C ARG B 98 -20.04 6.68 -17.71
N ASN B 99 -21.35 6.91 -17.75
CA ASN B 99 -22.31 5.94 -18.25
C ASN B 99 -23.05 6.58 -19.41
N LEU B 100 -22.75 6.10 -20.62
CA LEU B 100 -23.24 6.73 -21.84
C LEU B 100 -22.82 8.20 -21.83
N ARG B 101 -23.78 9.13 -21.84
CA ARG B 101 -23.41 10.55 -21.86
C ARG B 101 -23.24 11.14 -20.47
N GLN B 102 -23.68 10.44 -19.45
CA GLN B 102 -23.65 10.94 -18.06
C GLN B 102 -22.25 10.83 -17.45
N VAL B 103 -21.68 11.97 -17.04
CA VAL B 103 -20.30 12.00 -16.52
C VAL B 103 -20.27 12.53 -15.11
N THR B 104 -19.61 11.79 -14.22
CA THR B 104 -19.48 12.19 -12.80
C THR B 104 -17.99 12.24 -12.49
N ILE B 105 -17.55 13.29 -11.83
CA ILE B 105 -16.20 13.31 -11.29
C ILE B 105 -16.17 13.76 -9.82
N SER B 106 -15.45 13.01 -9.01
CA SER B 106 -15.24 13.40 -7.62
C SER B 106 -13.78 13.45 -7.30
N VAL B 107 -13.45 14.37 -6.40
CA VAL B 107 -12.12 14.48 -5.83
C VAL B 107 -12.23 14.37 -4.32
N ASP B 108 -11.41 13.50 -3.75
CA ASP B 108 -11.41 13.21 -2.32
C ASP B 108 -12.77 12.72 -1.85
N GLY B 109 -13.56 12.18 -2.77
CA GLY B 109 -14.83 11.54 -2.42
C GLY B 109 -16.02 12.46 -2.21
N ILE B 110 -15.79 13.65 -1.67
CA ILE B 110 -16.88 14.55 -1.29
C ILE B 110 -17.12 15.72 -2.26
N LEU B 111 -16.11 16.06 -3.06
CA LEU B 111 -16.22 17.19 -3.99
C LEU B 111 -16.53 16.68 -5.39
N THR B 112 -17.73 16.98 -5.90
CA THR B 112 -18.28 16.30 -7.08
C THR B 112 -18.91 17.26 -8.08
N THR B 113 -18.64 17.02 -9.36
CA THR B 113 -19.34 17.70 -10.46
C THR B 113 -19.93 16.61 -11.35
N THR B 114 -21.17 16.81 -11.76
CA THR B 114 -21.80 15.86 -12.68
C THR B 114 -22.44 16.60 -13.84
N GLY B 115 -22.51 15.95 -14.99
CA GLY B 115 -23.09 16.55 -16.19
C GLY B 115 -23.23 15.57 -17.34
N TYR B 116 -23.27 16.09 -18.57
CA TYR B 116 -23.49 15.25 -19.72
C TYR B 116 -22.76 15.79 -20.92
N THR B 117 -22.19 14.88 -21.73
CA THR B 117 -21.63 15.28 -23.03
C THR B 117 -22.81 15.69 -23.89
N GLN B 118 -22.55 16.43 -24.96
CA GLN B 118 -23.64 16.98 -25.76
C GLN B 118 -24.32 16.02 -26.69
N GLU B 119 -25.61 16.27 -26.87
CA GLU B 119 -26.44 15.64 -27.89
C GLU B 119 -26.56 14.12 -27.73
N ASP B 120 -26.29 13.35 -28.78
CA ASP B 120 -26.73 11.96 -28.84
C ASP B 120 -25.68 10.83 -28.79
N TYR B 121 -24.43 11.13 -29.09
CA TYR B 121 -23.39 10.08 -29.19
C TYR B 121 -23.03 9.56 -27.81
N THR B 122 -22.86 8.25 -27.69
CA THR B 122 -22.60 7.62 -26.39
C THR B 122 -21.28 6.86 -26.35
N MSE B 123 -20.61 6.75 -27.50
CA MSE B 123 -19.45 5.87 -27.66
C MSE B 123 -18.15 6.65 -27.76
O MSE B 123 -18.00 7.53 -28.65
CB MSE B 123 -19.59 5.04 -28.91
CG MSE B 123 -20.71 3.99 -28.83
SE MSE B 123 -20.12 2.31 -28.04
CE MSE B 123 -18.37 2.10 -28.82
N LEU B 124 -17.21 6.32 -26.87
CA LEU B 124 -15.85 6.86 -26.97
C LEU B 124 -14.99 5.89 -27.79
N GLY B 125 -14.40 6.39 -28.88
CA GLY B 125 -13.50 5.58 -29.71
C GLY B 125 -12.08 6.16 -29.73
N SER B 126 -11.06 5.32 -29.53
CA SER B 126 -9.68 5.80 -29.45
C SER B 126 -8.70 4.65 -29.71
N ASP B 127 -7.90 4.78 -30.76
CA ASP B 127 -6.87 3.76 -31.08
C ASP B 127 -5.49 4.36 -31.14
N ASP B 128 -5.33 5.51 -30.50
CA ASP B 128 -4.11 6.30 -30.47
C ASP B 128 -3.20 5.84 -29.30
N PHE B 129 -3.06 6.71 -28.32
CA PHE B 129 -2.25 6.46 -27.15
C PHE B 129 -3.02 6.95 -25.95
N PHE B 130 -2.78 6.30 -24.81
CA PHE B 130 -3.22 6.77 -23.53
C PHE B 130 -2.00 7.44 -22.87
N TYR B 131 -2.05 8.77 -22.75
CA TYR B 131 -0.99 9.53 -22.13
C TYR B 131 -1.24 9.73 -20.65
N VAL B 132 -0.17 9.61 -19.87
CA VAL B 132 -0.24 9.89 -18.44
C VAL B 132 0.92 10.79 -18.03
N GLY B 133 0.59 11.87 -17.34
CA GLY B 133 1.57 12.83 -16.82
C GLY B 133 2.08 13.83 -17.84
N GLY B 134 1.63 13.73 -19.10
CA GLY B 134 2.10 14.64 -20.14
C GLY B 134 1.97 14.00 -21.51
N SER B 135 2.46 14.68 -22.55
CA SER B 135 2.37 14.19 -23.92
C SER B 135 3.43 14.88 -24.78
N PRO B 136 3.64 14.46 -26.04
CA PRO B 136 4.62 15.15 -26.89
C PRO B 136 4.31 16.64 -27.11
N SER B 137 3.05 17.02 -27.03
CA SER B 137 2.65 18.43 -27.17
C SER B 137 1.28 18.72 -26.59
N THR B 138 1.28 18.96 -25.28
CA THR B 138 0.07 19.05 -24.46
C THR B 138 -0.92 20.13 -24.85
N ALA B 139 -0.42 21.27 -25.33
CA ALA B 139 -1.26 22.39 -25.78
C ALA B 139 -2.21 21.95 -26.90
N ASP B 140 -1.69 21.09 -27.77
CA ASP B 140 -2.39 20.62 -28.97
C ASP B 140 -3.32 19.41 -28.74
N LEU B 141 -3.39 18.88 -27.52
CA LEU B 141 -4.32 17.77 -27.27
C LEU B 141 -5.76 18.28 -27.31
N PRO B 142 -6.62 17.63 -28.09
CA PRO B 142 -8.04 18.00 -28.14
C PRO B 142 -8.65 18.18 -26.76
N GLY B 143 -9.27 19.34 -26.54
CA GLY B 143 -9.87 19.63 -25.25
C GLY B 143 -8.97 20.05 -24.10
N SER B 144 -7.65 20.00 -24.30
CA SER B 144 -6.77 20.33 -23.18
C SER B 144 -6.85 21.80 -22.81
N PRO B 145 -7.06 22.12 -21.53
CA PRO B 145 -6.99 23.52 -21.05
C PRO B 145 -5.58 23.97 -20.64
N VAL B 146 -4.61 23.08 -20.71
CA VAL B 146 -3.27 23.41 -20.24
C VAL B 146 -2.24 23.09 -21.33
N SER B 147 -1.06 23.70 -21.27
CA SER B 147 0.02 23.34 -22.18
C SER B 147 1.19 22.63 -21.45
N ASN B 148 1.00 22.40 -20.16
CA ASN B 148 2.04 21.92 -19.27
C ASN B 148 1.87 20.44 -18.99
N ASN B 149 2.97 19.70 -19.12
CA ASN B 149 3.00 18.36 -18.56
C ASN B 149 2.90 18.48 -17.03
N PHE B 150 2.59 17.37 -16.39
CA PHE B 150 2.45 17.35 -14.95
C PHE B 150 3.79 17.47 -14.26
N MSE B 151 3.80 18.23 -13.18
CA MSE B 151 4.95 18.32 -12.32
C MSE B 151 4.50 17.95 -10.92
O MSE B 151 3.97 18.79 -10.17
CB MSE B 151 5.58 19.70 -12.38
CG MSE B 151 6.89 19.77 -11.67
SE MSE B 151 7.66 21.53 -11.86
CE MSE B 151 7.88 21.57 -13.86
N GLY B 152 4.68 16.68 -10.59
CA GLY B 152 4.27 16.09 -9.34
C GLY B 152 4.19 14.60 -9.51
N CYS B 153 3.40 13.95 -8.65
CA CYS B 153 3.32 12.49 -8.64
C CYS B 153 1.91 12.02 -8.93
N LEU B 154 1.83 10.93 -9.68
CA LEU B 154 0.56 10.27 -9.99
C LEU B 154 0.66 8.83 -9.53
N LYS B 155 -0.38 8.32 -8.90
CA LYS B 155 -0.39 6.90 -8.56
C LYS B 155 -1.72 6.22 -8.86
N GLU B 156 -1.65 4.89 -8.99
CA GLU B 156 -2.78 3.98 -9.19
C GLU B 156 -3.71 4.42 -10.32
N VAL B 157 -3.13 4.89 -11.42
CA VAL B 157 -3.90 5.32 -12.56
C VAL B 157 -4.50 4.08 -13.21
N VAL B 158 -5.82 4.05 -13.32
CA VAL B 158 -6.52 2.89 -13.89
C VAL B 158 -7.59 3.44 -14.80
N TYR B 159 -7.65 2.89 -16.01
CA TYR B 159 -8.79 3.12 -16.89
C TYR B 159 -9.48 1.79 -17.14
N LYS B 160 -10.78 1.75 -16.94
CA LYS B 160 -11.49 0.54 -17.28
C LYS B 160 -12.82 0.78 -17.94
N ASN B 161 -13.16 -0.16 -18.83
CA ASN B 161 -14.47 -0.20 -19.44
C ASN B 161 -14.99 -1.65 -19.42
N ASN B 162 -16.05 -1.95 -20.16
CA ASN B 162 -16.62 -3.31 -20.16
C ASN B 162 -15.69 -4.35 -20.81
N ASP B 163 -14.68 -3.87 -21.54
CA ASP B 163 -13.81 -4.75 -22.33
C ASP B 163 -12.34 -4.83 -21.86
N VAL B 164 -11.90 -3.84 -21.08
CA VAL B 164 -10.49 -3.75 -20.66
C VAL B 164 -10.33 -3.03 -19.30
N ARG B 165 -9.34 -3.47 -18.52
CA ARG B 165 -8.89 -2.78 -17.32
C ARG B 165 -7.41 -2.47 -17.54
N LEU B 166 -7.10 -1.21 -17.76
CA LEU B 166 -5.73 -0.78 -18.02
C LEU B 166 -5.20 -0.15 -16.76
N GLU B 167 -4.35 -0.89 -16.09
CA GLU B 167 -3.70 -0.43 -14.87
C GLU B 167 -2.41 0.22 -15.30
N LEU B 168 -2.54 1.47 -15.72
CA LEU B 168 -1.50 2.20 -16.40
C LEU B 168 -0.27 2.47 -15.52
N SER B 169 -0.49 2.86 -14.27
CA SER B 169 0.61 2.97 -13.29
C SER B 169 1.37 1.66 -13.06
N ARG B 170 0.62 0.55 -12.95
CA ARG B 170 1.27 -0.73 -12.73
C ARG B 170 2.08 -1.13 -13.96
N LEU B 171 1.47 -1.00 -15.14
CA LEU B 171 2.16 -1.29 -16.40
C LEU B 171 3.41 -0.45 -16.58
N ALA B 172 3.37 0.79 -16.12
CA ALA B 172 4.53 1.70 -16.26
C ALA B 172 5.69 1.22 -15.39
N LYS B 173 5.36 0.76 -14.19
CA LYS B 173 6.34 0.28 -13.22
C LYS B 173 6.83 -1.12 -13.58
N GLN B 174 5.90 -2.03 -13.90
CA GLN B 174 6.28 -3.40 -14.19
C GLN B 174 6.78 -3.57 -15.63
N GLY B 175 6.35 -2.70 -16.54
CA GLY B 175 6.77 -2.81 -17.93
C GLY B 175 5.81 -3.61 -18.80
N ASP B 176 5.70 -3.20 -20.06
CA ASP B 176 4.79 -3.82 -21.02
C ASP B 176 5.25 -3.41 -22.41
N PRO B 177 5.15 -4.32 -23.39
CA PRO B 177 5.53 -4.00 -24.79
C PRO B 177 4.79 -2.81 -25.39
N LYS B 178 3.58 -2.54 -24.89
CA LYS B 178 2.77 -1.41 -25.34
C LYS B 178 2.98 -0.14 -24.49
N MSE B 179 3.73 -0.27 -23.40
CA MSE B 179 3.95 0.87 -22.49
C MSE B 179 5.35 1.46 -22.69
O MSE B 179 6.35 0.73 -22.62
CB MSE B 179 3.72 0.43 -21.04
CG MSE B 179 4.11 1.45 -19.96
SE MSE B 179 2.97 3.02 -20.00
CE MSE B 179 1.29 2.30 -19.25
N LYS B 180 5.41 2.76 -22.98
CA LYS B 180 6.69 3.48 -23.09
C LYS B 180 6.73 4.69 -22.15
N ILE B 181 7.86 4.87 -21.47
CA ILE B 181 8.09 6.08 -20.66
C ILE B 181 9.02 6.99 -21.45
N HIS B 182 8.59 8.24 -21.64
CA HIS B 182 9.39 9.24 -22.36
C HIS B 182 9.82 10.36 -21.40
N GLY B 183 11.07 10.76 -21.47
CA GLY B 183 11.54 11.90 -20.68
C GLY B 183 12.57 12.68 -21.45
N VAL B 184 12.51 14.00 -21.41
CA VAL B 184 13.58 14.80 -22.04
C VAL B 184 14.89 14.64 -21.25
N SER C 2 -25.79 -8.20 29.90
CA SER C 2 -26.25 -9.48 30.49
C SER C 2 -25.23 -10.61 30.30
N LYS C 3 -24.52 -10.60 29.18
CA LYS C 3 -23.52 -11.64 28.87
C LYS C 3 -22.23 -11.43 29.66
N GLU C 4 -21.96 -12.36 30.56
CA GLU C 4 -20.86 -12.25 31.53
C GLU C 4 -19.49 -12.28 30.86
N GLU C 5 -18.81 -11.13 30.89
CA GLU C 5 -17.40 -11.04 30.48
C GLU C 5 -16.55 -11.40 31.68
N TYR C 6 -15.32 -11.85 31.41
CA TYR C 6 -14.44 -12.28 32.48
C TYR C 6 -13.25 -11.35 32.55
N ILE C 7 -13.33 -10.40 33.48
CA ILE C 7 -12.33 -9.35 33.66
C ILE C 7 -11.44 -9.66 34.85
N ALA C 8 -10.15 -9.42 34.69
CA ALA C 8 -9.21 -9.48 35.79
C ALA C 8 -8.35 -8.23 35.83
N THR C 9 -8.03 -7.80 37.05
CA THR C 9 -7.18 -6.65 37.28
C THR C 9 -5.81 -7.13 37.71
N PHE C 10 -4.79 -6.56 37.09
CA PHE C 10 -3.42 -6.85 37.42
C PHE C 10 -2.79 -5.57 37.93
N LYS C 11 -1.99 -5.69 38.98
CA LYS C 11 -1.38 -4.51 39.58
C LYS C 11 0.15 -4.52 39.50
N GLY C 12 0.71 -5.53 38.82
CA GLY C 12 2.16 -5.59 38.60
C GLY C 12 2.85 -6.85 39.09
N SER C 13 2.27 -7.51 40.09
CA SER C 13 2.90 -8.70 40.67
C SER C 13 2.12 -9.97 40.34
N GLU C 14 0.95 -9.80 39.76
CA GLU C 14 -0.02 -10.86 39.59
C GLU C 14 0.03 -11.41 38.16
N TYR C 15 -0.23 -12.71 38.03
CA TYR C 15 -0.33 -13.36 36.71
C TYR C 15 -1.04 -14.71 36.79
N PHE C 16 -1.63 -15.12 35.67
CA PHE C 16 -2.23 -16.43 35.50
C PHE C 16 -1.22 -17.37 34.86
N CYS C 17 -1.30 -18.64 35.21
CA CYS C 17 -0.36 -19.62 34.66
C CYS C 17 -1.10 -20.91 34.36
N TYR C 18 -1.43 -21.11 33.08
CA TYR C 18 -2.12 -22.30 32.64
C TYR C 18 -1.13 -23.37 32.23
N ASP C 19 -1.31 -24.56 32.79
CA ASP C 19 -0.40 -25.67 32.65
C ASP C 19 -0.74 -26.51 31.41
N LEU C 20 0.15 -26.46 30.42
CA LEU C 20 -0.06 -27.13 29.14
C LEU C 20 0.57 -28.51 29.13
N SER C 21 1.14 -28.93 30.25
CA SER C 21 1.87 -30.21 30.32
C SER C 21 1.08 -31.41 29.80
N GLN C 22 -0.14 -31.61 30.31
CA GLN C 22 -0.93 -32.80 29.96
C GLN C 22 -1.76 -32.67 28.66
N ASN C 23 -1.74 -31.49 28.05
CA ASN C 23 -2.31 -31.28 26.70
C ASN C 23 -1.55 -30.18 25.96
N PRO C 24 -0.42 -30.54 25.36
CA PRO C 24 0.50 -29.56 24.78
C PRO C 24 -0.03 -28.94 23.50
N ILE C 25 0.49 -27.75 23.15
CA ILE C 25 0.18 -27.14 21.88
C ILE C 25 1.20 -27.62 20.86
N GLN C 26 0.70 -28.20 19.78
CA GLN C 26 1.46 -28.44 18.57
C GLN C 26 0.57 -28.02 17.40
N SER C 27 0.54 -26.72 17.11
CA SER C 27 -0.47 -26.20 16.18
C SER C 27 0.07 -25.60 14.91
N SER C 28 -0.72 -25.79 13.85
CA SER C 28 -0.47 -25.21 12.54
C SER C 28 -1.20 -23.88 12.38
N SER C 29 -2.09 -23.60 13.32
CA SER C 29 -3.10 -22.54 13.18
C SER C 29 -3.55 -22.08 14.57
N ASP C 30 -3.43 -20.80 14.87
CA ASP C 30 -3.85 -20.26 16.17
C ASP C 30 -4.69 -19.01 16.02
N GLU C 31 -5.57 -18.77 16.99
CA GLU C 31 -6.19 -17.47 17.14
C GLU C 31 -6.15 -17.04 18.59
N ILE C 32 -5.74 -15.80 18.82
CA ILE C 32 -5.77 -15.20 20.15
C ILE C 32 -6.58 -13.90 20.12
N THR C 33 -7.59 -13.82 20.98
CA THR C 33 -8.32 -12.58 21.16
C THR C 33 -8.32 -12.15 22.64
N LEU C 34 -8.34 -10.85 22.87
CA LEU C 34 -8.46 -10.30 24.23
C LEU C 34 -8.81 -8.81 24.19
N SER C 35 -9.28 -8.28 25.33
CA SER C 35 -9.32 -6.83 25.52
C SER C 35 -8.44 -6.41 26.69
N PHE C 36 -7.79 -5.27 26.57
CA PHE C 36 -6.95 -4.73 27.65
C PHE C 36 -7.29 -3.27 27.96
N LYS C 37 -6.96 -2.86 29.18
CA LYS C 37 -7.19 -1.49 29.64
C LYS C 37 -6.07 -1.14 30.60
N THR C 38 -5.39 -0.03 30.33
CA THR C 38 -4.18 0.31 31.09
C THR C 38 -3.81 1.76 30.95
N LEU C 39 -3.11 2.26 31.97
CA LEU C 39 -2.53 3.60 31.93
C LEU C 39 -1.03 3.58 31.66
N GLN C 40 -0.43 2.38 31.64
CA GLN C 40 1.03 2.22 31.55
C GLN C 40 1.48 1.91 30.13
N ARG C 41 2.70 2.31 29.79
CA ARG C 41 3.22 2.08 28.45
C ARG C 41 3.76 0.67 28.20
N ASN C 42 4.15 -0.03 29.27
CA ASN C 42 4.86 -1.33 29.17
C ASN C 42 4.26 -2.42 30.07
N GLY C 43 3.99 -3.59 29.51
CA GLY C 43 3.55 -4.72 30.31
C GLY C 43 3.18 -5.95 29.50
N LEU C 44 3.54 -7.11 30.04
CA LEU C 44 3.24 -8.38 29.42
C LEU C 44 1.74 -8.66 29.52
N MSE C 45 1.11 -8.94 28.38
CA MSE C 45 -0.29 -9.35 28.35
C MSE C 45 -0.40 -10.86 28.38
O MSE C 45 -1.22 -11.41 29.08
CB MSE C 45 -1.00 -8.81 27.12
CG MSE C 45 -1.03 -7.29 27.05
SE MSE C 45 -2.08 -6.72 25.51
CE MSE C 45 -1.12 -4.98 25.11
N LEU C 46 0.43 -11.53 27.58
CA LEU C 46 0.40 -12.98 27.49
C LEU C 46 1.62 -13.57 26.82
N HIS C 47 1.95 -14.78 27.22
CA HIS C 47 3.09 -15.49 26.67
C HIS C 47 2.89 -16.97 26.76
N THR C 48 3.26 -17.67 25.70
CA THR C 48 3.46 -19.13 25.81
C THR C 48 4.71 -19.56 25.06
N GLY C 49 5.46 -20.50 25.64
CA GLY C 49 6.56 -21.12 24.91
C GLY C 49 7.94 -20.87 25.44
N LYS C 50 8.81 -21.87 25.24
CA LYS C 50 10.22 -21.77 25.57
C LYS C 50 11.01 -21.92 24.27
N SER C 51 12.32 -21.69 24.36
CA SER C 51 13.26 -21.77 23.21
C SER C 51 12.86 -20.84 22.09
N ALA C 52 12.64 -21.41 20.92
CA ALA C 52 12.38 -20.63 19.73
C ALA C 52 10.96 -20.84 19.22
N ASP C 53 10.15 -21.57 19.99
CA ASP C 53 8.71 -21.66 19.73
C ASP C 53 7.99 -20.88 20.82
N TYR C 54 7.45 -19.71 20.47
CA TYR C 54 6.72 -18.92 21.47
C TYR C 54 5.79 -17.91 20.82
N VAL C 55 4.89 -17.40 21.63
CA VAL C 55 4.05 -16.26 21.25
C VAL C 55 4.13 -15.32 22.45
N ASN C 56 4.57 -14.10 22.20
CA ASN C 56 4.67 -13.08 23.23
C ASN C 56 3.83 -11.88 22.81
N LEU C 57 2.90 -11.47 23.68
CA LEU C 57 2.09 -10.28 23.45
C LEU C 57 2.19 -9.33 24.66
N ALA C 58 2.49 -8.07 24.35
CA ALA C 58 2.79 -7.04 25.34
C ALA C 58 2.38 -5.65 24.85
N LEU C 59 2.29 -4.71 25.78
CA LEU C 59 2.33 -3.31 25.39
C LEU C 59 3.78 -2.91 25.58
N LYS C 60 4.33 -2.21 24.60
CA LYS C 60 5.73 -1.85 24.58
C LYS C 60 5.85 -0.43 24.07
N ASN C 61 6.20 0.48 24.98
CA ASN C 61 6.23 1.91 24.68
C ASN C 61 4.88 2.40 24.16
N GLY C 62 3.79 1.86 24.70
CA GLY C 62 2.44 2.24 24.28
C GLY C 62 1.93 1.57 23.02
N ALA C 63 2.76 0.76 22.38
CA ALA C 63 2.37 0.02 21.18
C ALA C 63 2.04 -1.43 21.51
N VAL C 64 1.18 -2.05 20.70
CA VAL C 64 0.90 -3.46 20.87
C VAL C 64 1.99 -4.27 20.18
N SER C 65 2.76 -5.00 20.98
CA SER C 65 3.89 -5.79 20.52
C SER C 65 3.55 -7.27 20.44
N LEU C 66 3.69 -7.85 19.26
CA LEU C 66 3.53 -9.29 19.05
C LEU C 66 4.81 -9.87 18.47
N VAL C 67 5.35 -10.90 19.12
CA VAL C 67 6.46 -11.68 18.60
C VAL C 67 6.01 -13.12 18.57
N ILE C 68 6.16 -13.77 17.41
CA ILE C 68 5.88 -15.20 17.24
C ILE C 68 7.05 -15.88 16.55
N ASN C 69 7.49 -16.97 17.14
CA ASN C 69 8.54 -17.79 16.58
C ASN C 69 8.06 -19.24 16.55
N LEU C 70 8.21 -19.90 15.40
CA LEU C 70 7.80 -21.29 15.22
C LEU C 70 9.01 -22.22 15.21
N GLY C 71 10.17 -21.66 15.55
CA GLY C 71 11.41 -22.41 15.74
C GLY C 71 12.50 -22.03 14.75
N SER C 72 12.14 -21.24 13.73
CA SER C 72 13.11 -20.85 12.71
C SER C 72 13.24 -19.33 12.48
N GLY C 73 12.89 -18.54 13.49
CA GLY C 73 13.00 -17.08 13.40
C GLY C 73 11.66 -16.41 13.54
N ALA C 74 11.63 -15.29 14.24
CA ALA C 74 10.37 -14.63 14.62
C ALA C 74 9.76 -13.69 13.58
N PHE C 75 8.44 -13.57 13.62
CA PHE C 75 7.73 -12.43 13.09
C PHE C 75 7.55 -11.48 14.26
N GLU C 76 7.79 -10.19 14.03
CA GLU C 76 7.59 -9.18 15.06
C GLU C 76 6.68 -8.09 14.52
N ALA C 77 5.72 -7.65 15.32
CA ALA C 77 4.90 -6.49 14.95
C ALA C 77 4.79 -5.56 16.12
N LEU C 78 4.76 -4.27 15.82
CA LEU C 78 4.57 -3.24 16.81
C LEU C 78 3.50 -2.28 16.29
N VAL C 79 2.28 -2.48 16.79
CA VAL C 79 1.11 -1.72 16.34
C VAL C 79 0.98 -0.43 17.13
N GLU C 80 1.16 0.68 16.42
CA GLU C 80 1.10 2.01 17.01
C GLU C 80 -0.32 2.52 16.98
N PRO C 81 -0.72 3.28 18.01
CA PRO C 81 -2.02 3.96 18.00
C PRO C 81 -2.04 5.07 16.98
N VAL C 82 -3.23 5.38 16.47
CA VAL C 82 -3.38 6.50 15.53
C VAL C 82 -4.24 7.57 16.20
N ASN C 83 -3.74 8.80 16.22
CA ASN C 83 -4.47 9.92 16.84
C ASN C 83 -5.14 9.52 18.17
N GLY C 84 -4.30 9.10 19.12
CA GLY C 84 -4.74 8.68 20.46
C GLY C 84 -3.68 7.78 21.09
N LYS C 85 -4.01 7.18 22.22
CA LYS C 85 -3.10 6.28 22.95
C LYS C 85 -3.75 4.95 23.26
N PHE C 86 -2.96 3.89 23.34
CA PHE C 86 -3.46 2.59 23.82
C PHE C 86 -3.43 2.53 25.35
N ASN C 87 -2.55 3.31 25.96
CA ASN C 87 -2.51 3.34 27.42
C ASN C 87 -3.37 4.49 27.95
N ASP C 88 -4.59 4.56 27.44
CA ASP C 88 -5.48 5.68 27.69
C ASP C 88 -6.64 5.31 28.61
N ASN C 89 -6.48 4.21 29.36
CA ASN C 89 -7.46 3.76 30.36
C ASN C 89 -8.83 3.42 29.78
N ALA C 90 -8.84 3.01 28.52
CA ALA C 90 -10.06 2.61 27.81
C ALA C 90 -9.84 1.24 27.21
N TRP C 91 -10.92 0.49 27.00
CA TRP C 91 -10.78 -0.86 26.45
C TRP C 91 -10.33 -0.83 24.99
N HIS C 92 -9.45 -1.77 24.65
CA HIS C 92 -8.95 -1.95 23.30
C HIS C 92 -8.93 -3.45 22.99
N ASP C 93 -9.49 -3.84 21.84
CA ASP C 93 -9.55 -5.23 21.42
C ASP C 93 -8.35 -5.63 20.57
N VAL C 94 -7.82 -6.83 20.85
CA VAL C 94 -6.71 -7.39 20.11
C VAL C 94 -7.13 -8.74 19.55
N LYS C 95 -6.85 -8.96 18.26
CA LYS C 95 -7.06 -10.24 17.61
C LYS C 95 -5.81 -10.59 16.86
N VAL C 96 -5.27 -11.76 17.18
CA VAL C 96 -4.09 -12.31 16.53
C VAL C 96 -4.49 -13.59 15.82
N THR C 97 -4.21 -13.67 14.53
CA THR C 97 -4.47 -14.87 13.73
C THR C 97 -3.16 -15.41 13.16
N ARG C 98 -2.94 -16.72 13.33
CA ARG C 98 -1.80 -17.38 12.72
C ARG C 98 -2.24 -18.59 11.88
N ASN C 99 -1.88 -18.61 10.59
CA ASN C 99 -2.01 -19.81 9.79
C ASN C 99 -0.70 -20.19 9.13
N LEU C 100 -0.10 -21.28 9.64
CA LEU C 100 1.28 -21.66 9.31
C LEU C 100 2.21 -20.47 9.59
N ARG C 101 2.91 -19.98 8.57
CA ARG C 101 3.84 -18.86 8.76
C ARG C 101 3.16 -17.49 8.76
N GLN C 102 1.92 -17.44 8.28
CA GLN C 102 1.23 -16.16 8.07
C GLN C 102 0.55 -15.65 9.34
N VAL C 103 0.99 -14.48 9.82
CA VAL C 103 0.51 -13.85 11.07
C VAL C 103 -0.23 -12.52 10.79
N THR C 104 -1.41 -12.39 11.38
CA THR C 104 -2.20 -11.17 11.31
C THR C 104 -2.48 -10.73 12.75
N ILE C 105 -2.35 -9.43 13.00
CA ILE C 105 -2.81 -8.82 14.25
C ILE C 105 -3.64 -7.58 13.96
N SER C 106 -4.82 -7.51 14.57
CA SER C 106 -5.73 -6.36 14.51
C SER C 106 -5.93 -5.78 15.90
N VAL C 107 -5.95 -4.45 15.98
CA VAL C 107 -6.32 -3.75 17.20
C VAL C 107 -7.53 -2.85 16.93
N ASP C 108 -8.56 -2.98 17.76
CA ASP C 108 -9.83 -2.24 17.66
C ASP C 108 -10.44 -2.39 16.29
N GLY C 109 -10.32 -3.60 15.74
CA GLY C 109 -10.86 -3.90 14.41
C GLY C 109 -10.11 -3.25 13.27
N ILE C 110 -9.70 -2.01 13.46
CA ILE C 110 -9.31 -1.09 12.37
C ILE C 110 -7.82 -1.08 12.03
N LEU C 111 -6.98 -1.53 12.96
CA LEU C 111 -5.54 -1.42 12.81
C LEU C 111 -4.88 -2.78 12.64
N THR C 112 -4.52 -3.10 11.39
CA THR C 112 -4.10 -4.44 11.00
C THR C 112 -2.67 -4.49 10.48
N THR C 113 -1.91 -5.48 10.96
CA THR C 113 -0.59 -5.79 10.42
C THR C 113 -0.52 -7.28 10.08
N THR C 114 0.04 -7.55 8.90
CA THR C 114 0.21 -8.91 8.39
C THR C 114 1.68 -9.16 8.09
N GLY C 115 2.18 -10.34 8.45
CA GLY C 115 3.51 -10.73 8.05
C GLY C 115 3.73 -12.22 8.15
N TYR C 116 4.98 -12.63 8.10
CA TYR C 116 5.36 -14.03 8.11
C TYR C 116 6.50 -14.27 9.06
N THR C 117 6.42 -15.37 9.80
CA THR C 117 7.58 -15.92 10.48
C THR C 117 8.67 -16.28 9.45
N GLN C 118 9.92 -16.41 9.93
CA GLN C 118 11.07 -16.65 9.07
C GLN C 118 11.28 -18.11 8.70
N GLU C 119 11.91 -18.33 7.54
CA GLU C 119 12.29 -19.66 7.07
C GLU C 119 11.09 -20.60 6.97
N ASP C 120 11.28 -21.85 7.35
CA ASP C 120 10.40 -22.92 6.89
C ASP C 120 9.51 -23.58 7.93
N TYR C 121 9.73 -23.31 9.22
CA TYR C 121 8.95 -23.99 10.25
C TYR C 121 7.54 -23.44 10.21
N THR C 122 6.56 -24.27 10.54
CA THR C 122 5.14 -23.86 10.52
C THR C 122 4.39 -24.25 11.79
N MSE C 123 5.02 -24.97 12.71
CA MSE C 123 4.28 -25.53 13.83
C MSE C 123 4.67 -24.82 15.12
O MSE C 123 5.86 -24.56 15.35
CB MSE C 123 4.51 -27.04 13.96
CG MSE C 123 4.16 -27.84 12.69
SE MSE C 123 2.25 -27.72 12.34
CE MSE C 123 2.14 -28.18 10.34
N LEU C 124 3.69 -24.46 15.94
CA LEU C 124 3.98 -23.91 17.27
C LEU C 124 3.90 -25.03 18.29
N GLY C 125 5.03 -25.36 18.89
CA GLY C 125 5.10 -26.39 19.91
C GLY C 125 5.27 -25.69 21.24
N SER C 126 4.34 -25.92 22.16
CA SER C 126 4.42 -25.36 23.50
C SER C 126 3.80 -26.35 24.49
N ASP C 127 4.62 -26.92 25.37
CA ASP C 127 4.18 -28.00 26.25
C ASP C 127 4.34 -27.66 27.72
N ASP C 128 4.54 -26.38 28.02
CA ASP C 128 4.89 -25.98 29.36
C ASP C 128 3.81 -25.10 29.99
N PHE C 129 3.82 -23.79 29.68
CA PHE C 129 2.95 -22.85 30.37
C PHE C 129 2.34 -21.79 29.46
N PHE C 130 1.08 -21.48 29.76
CA PHE C 130 0.41 -20.33 29.19
C PHE C 130 0.23 -19.24 30.25
N TYR C 131 0.95 -18.13 30.07
CA TYR C 131 0.95 -17.04 31.04
C TYR C 131 0.08 -15.91 30.55
N VAL C 132 -0.69 -15.34 31.47
CA VAL C 132 -1.50 -14.17 31.18
C VAL C 132 -1.30 -13.12 32.26
N GLY C 133 -1.03 -11.90 31.83
CA GLY C 133 -0.91 -10.74 32.72
C GLY C 133 0.49 -10.54 33.26
N GLY C 134 1.37 -11.53 33.06
CA GLY C 134 2.70 -11.54 33.67
C GLY C 134 3.32 -12.92 33.73
N SER C 135 4.43 -13.04 34.47
CA SER C 135 5.15 -14.31 34.64
C SER C 135 6.18 -14.22 35.78
N PRO C 136 6.78 -15.35 36.18
CA PRO C 136 7.80 -15.34 37.25
C PRO C 136 9.00 -14.46 36.91
N SER C 137 9.34 -14.34 35.63
CA SER C 137 10.47 -13.48 35.19
C SER C 137 10.30 -13.04 33.76
N THR C 138 9.60 -11.93 33.59
CA THR C 138 9.11 -11.47 32.30
C THR C 138 10.22 -11.03 31.35
N ALA C 139 11.31 -10.52 31.90
CA ALA C 139 12.42 -10.02 31.11
C ALA C 139 13.09 -11.17 30.39
N ASP C 140 12.99 -12.35 31.00
CA ASP C 140 13.70 -13.56 30.54
C ASP C 140 12.90 -14.39 29.54
N LEU C 141 11.60 -14.15 29.43
CA LEU C 141 10.76 -14.86 28.46
C LEU C 141 11.26 -14.64 27.04
N PRO C 142 11.33 -15.69 26.23
CA PRO C 142 11.92 -15.57 24.90
C PRO C 142 11.10 -14.63 24.01
N GLY C 143 11.77 -13.68 23.39
CA GLY C 143 11.10 -12.73 22.50
C GLY C 143 10.41 -11.59 23.24
N SER C 144 10.54 -11.55 24.57
CA SER C 144 9.87 -10.50 25.34
C SER C 144 10.59 -9.16 25.22
N PRO C 145 9.87 -8.12 24.79
CA PRO C 145 10.42 -6.77 24.73
C PRO C 145 10.30 -6.01 26.06
N VAL C 146 9.65 -6.63 27.05
CA VAL C 146 9.35 -5.97 28.32
C VAL C 146 9.83 -6.79 29.51
N SER C 147 10.00 -6.11 30.63
CA SER C 147 10.29 -6.80 31.87
C SER C 147 9.19 -6.63 32.92
N ASN C 148 8.17 -5.81 32.64
CA ASN C 148 7.05 -5.61 33.57
C ASN C 148 5.90 -6.55 33.28
N ASN C 149 5.27 -7.05 34.33
CA ASN C 149 3.95 -7.67 34.22
C ASN C 149 2.92 -6.59 33.92
N PHE C 150 1.72 -6.99 33.51
CA PHE C 150 0.67 -6.04 33.16
C PHE C 150 0.18 -5.26 34.38
N MSE C 151 -0.14 -4.00 34.16
CA MSE C 151 -0.75 -3.17 35.18
C MSE C 151 -2.00 -2.58 34.53
O MSE C 151 -1.94 -1.63 33.78
CB MSE C 151 0.22 -2.10 35.65
CG MSE C 151 1.64 -2.63 35.78
SE MSE C 151 2.92 -1.41 36.55
CE MSE C 151 2.39 -1.62 38.34
N GLY C 152 -3.12 -3.22 34.81
CA GLY C 152 -4.37 -2.83 34.21
C GLY C 152 -5.33 -3.99 34.24
N CYS C 153 -6.26 -3.99 33.31
CA CYS C 153 -7.26 -5.04 33.21
C CYS C 153 -7.14 -5.77 31.88
N LEU C 154 -7.35 -7.09 31.96
CA LEU C 154 -7.48 -7.95 30.79
C LEU C 154 -8.80 -8.69 30.93
N LYS C 155 -9.50 -8.84 29.81
CA LYS C 155 -10.77 -9.56 29.83
C LYS C 155 -10.90 -10.43 28.59
N GLU C 156 -11.70 -11.49 28.73
CA GLU C 156 -12.05 -12.36 27.64
C GLU C 156 -10.83 -12.87 26.87
N VAL C 157 -9.76 -13.22 27.59
CA VAL C 157 -8.59 -13.82 26.95
C VAL C 157 -8.94 -15.23 26.46
N VAL C 158 -8.77 -15.46 25.17
CA VAL C 158 -9.07 -16.75 24.56
C VAL C 158 -7.96 -17.08 23.60
N TYR C 159 -7.38 -18.27 23.77
CA TYR C 159 -6.54 -18.91 22.76
C TYR C 159 -7.25 -20.13 22.16
N LYS C 160 -7.24 -20.23 20.84
CA LYS C 160 -7.78 -21.41 20.19
C LYS C 160 -6.93 -21.89 19.02
N ASN C 161 -6.94 -23.20 18.79
CA ASN C 161 -6.41 -23.80 17.57
C ASN C 161 -7.46 -24.77 17.01
N ASN C 162 -7.09 -25.59 16.03
CA ASN C 162 -8.07 -26.50 15.43
C ASN C 162 -8.57 -27.55 16.42
N ASP C 163 -7.75 -27.83 17.43
CA ASP C 163 -7.98 -28.93 18.34
C ASP C 163 -8.33 -28.53 19.76
N VAL C 164 -8.11 -27.27 20.12
CA VAL C 164 -8.43 -26.79 21.47
C VAL C 164 -8.85 -25.31 21.54
N ARG C 165 -9.72 -25.02 22.51
CA ARG C 165 -10.13 -23.67 22.84
C ARG C 165 -9.87 -23.48 24.33
N LEU C 166 -9.06 -22.49 24.67
CA LEU C 166 -8.74 -22.20 26.06
C LEU C 166 -9.30 -20.84 26.46
N GLU C 167 -10.38 -20.85 27.22
CA GLU C 167 -10.98 -19.60 27.69
C GLU C 167 -10.27 -19.19 28.95
N LEU C 168 -9.10 -18.59 28.76
CA LEU C 168 -8.16 -18.37 29.84
C LEU C 168 -8.73 -17.46 30.92
N SER C 169 -9.38 -16.38 30.51
CA SER C 169 -10.02 -15.46 31.44
C SER C 169 -11.13 -16.16 32.24
N ARG C 170 -11.96 -16.94 31.56
CA ARG C 170 -13.05 -17.62 32.26
C ARG C 170 -12.51 -18.63 33.29
N LEU C 171 -11.52 -19.41 32.85
CA LEU C 171 -10.90 -20.45 33.68
C LEU C 171 -10.25 -19.89 34.95
N ALA C 172 -9.76 -18.65 34.87
CA ALA C 172 -9.11 -18.00 36.01
C ALA C 172 -10.10 -17.52 37.08
N LYS C 173 -11.30 -17.15 36.65
CA LYS C 173 -12.36 -16.67 37.53
C LYS C 173 -13.23 -17.82 38.02
N GLN C 174 -13.37 -18.85 37.19
CA GLN C 174 -14.22 -20.00 37.51
C GLN C 174 -13.45 -21.15 38.16
N GLY C 175 -12.13 -21.16 37.99
CA GLY C 175 -11.30 -22.20 38.59
C GLY C 175 -11.11 -23.38 37.66
N ASP C 176 -9.90 -23.93 37.68
CA ASP C 176 -9.54 -25.11 36.88
C ASP C 176 -8.28 -25.74 37.49
N PRO C 177 -8.24 -27.08 37.57
CA PRO C 177 -7.08 -27.77 38.17
C PRO C 177 -5.74 -27.46 37.50
N LYS C 178 -5.77 -26.86 36.31
CA LYS C 178 -4.56 -26.58 35.54
C LYS C 178 -4.22 -25.08 35.54
N MSE C 179 -5.13 -24.27 36.05
CA MSE C 179 -4.96 -22.82 36.12
C MSE C 179 -4.53 -22.39 37.51
O MSE C 179 -5.16 -22.73 38.51
CB MSE C 179 -6.28 -22.14 35.73
CG MSE C 179 -6.30 -20.65 35.90
SE MSE C 179 -5.09 -19.78 34.66
CE MSE C 179 -6.08 -20.02 32.96
N LYS C 180 -3.43 -21.62 37.59
CA LYS C 180 -3.00 -21.04 38.85
C LYS C 180 -2.81 -19.53 38.74
N ILE C 181 -3.17 -18.85 39.82
CA ILE C 181 -3.03 -17.41 39.94
C ILE C 181 -1.94 -17.12 40.97
N HIS C 182 -0.92 -16.40 40.53
CA HIS C 182 0.23 -16.09 41.36
C HIS C 182 0.31 -14.58 41.64
N GLY C 183 1.08 -14.22 42.66
CA GLY C 183 1.31 -12.82 43.00
C GLY C 183 0.21 -12.09 43.75
N VAL C 184 -1.03 -12.58 43.61
CA VAL C 184 -2.21 -11.91 44.19
C VAL C 184 -2.42 -12.22 45.66
N LYS D 3 -9.37 -29.96 -23.97
CA LYS D 3 -8.45 -30.63 -22.99
C LYS D 3 -8.15 -29.72 -21.80
N GLU D 4 -8.18 -28.42 -22.04
CA GLU D 4 -7.60 -27.43 -21.12
C GLU D 4 -8.40 -27.21 -19.83
N GLU D 5 -7.76 -27.58 -18.72
CA GLU D 5 -8.26 -27.27 -17.39
C GLU D 5 -7.53 -26.02 -16.89
N TYR D 6 -8.14 -25.35 -15.92
CA TYR D 6 -7.57 -24.12 -15.37
C TYR D 6 -7.34 -24.30 -13.88
N ILE D 7 -6.11 -24.67 -13.54
CA ILE D 7 -5.73 -24.97 -12.17
C ILE D 7 -4.97 -23.75 -11.65
N ALA D 8 -5.31 -23.31 -10.44
CA ALA D 8 -4.53 -22.28 -9.77
C ALA D 8 -4.04 -22.81 -8.42
N THR D 9 -2.90 -22.30 -7.95
CA THR D 9 -2.33 -22.69 -6.66
C THR D 9 -2.40 -21.49 -5.72
N PHE D 10 -2.84 -21.75 -4.50
CA PHE D 10 -3.03 -20.73 -3.49
C PHE D 10 -2.17 -21.12 -2.30
N LYS D 11 -1.38 -20.18 -1.81
CA LYS D 11 -0.44 -20.48 -0.73
C LYS D 11 -0.80 -19.80 0.58
N GLY D 12 -1.92 -19.07 0.57
CA GLY D 12 -2.45 -18.43 1.76
C GLY D 12 -2.71 -16.96 1.61
N SER D 13 -1.98 -16.28 0.72
CA SER D 13 -2.14 -14.85 0.53
C SER D 13 -2.92 -14.49 -0.74
N GLU D 14 -3.08 -15.46 -1.64
CA GLU D 14 -3.68 -15.17 -2.94
C GLU D 14 -5.16 -15.50 -3.01
N TYR D 15 -5.86 -14.73 -3.83
CA TYR D 15 -7.26 -15.00 -4.11
C TYR D 15 -7.64 -14.24 -5.36
N PHE D 16 -8.72 -14.69 -5.98
CA PHE D 16 -9.28 -14.02 -7.14
C PHE D 16 -10.46 -13.21 -6.66
N CYS D 17 -10.67 -12.08 -7.31
CA CYS D 17 -11.82 -11.25 -7.00
C CYS D 17 -12.51 -10.83 -8.28
N TYR D 18 -13.73 -11.33 -8.48
CA TYR D 18 -14.56 -10.98 -9.62
C TYR D 18 -15.63 -9.95 -9.25
N ASP D 19 -15.59 -8.82 -9.95
CA ASP D 19 -16.44 -7.65 -9.75
C ASP D 19 -17.81 -7.89 -10.40
N LEU D 20 -18.83 -8.12 -9.56
CA LEU D 20 -20.22 -8.29 -10.01
C LEU D 20 -21.06 -7.02 -10.15
N SER D 21 -20.53 -5.88 -9.72
CA SER D 21 -21.33 -4.63 -9.68
C SER D 21 -22.03 -4.24 -10.99
N GLN D 22 -21.43 -4.57 -12.13
CA GLN D 22 -22.01 -4.15 -13.40
C GLN D 22 -23.05 -5.12 -13.98
N ASN D 23 -23.13 -6.31 -13.38
CA ASN D 23 -24.08 -7.36 -13.75
C ASN D 23 -24.29 -8.27 -12.53
N PRO D 24 -25.05 -7.78 -11.55
CA PRO D 24 -25.21 -8.49 -10.29
C PRO D 24 -25.87 -9.86 -10.47
N ILE D 25 -25.55 -10.79 -9.58
CA ILE D 25 -26.29 -12.04 -9.50
C ILE D 25 -27.64 -11.71 -8.91
N GLN D 26 -28.68 -12.18 -9.60
CA GLN D 26 -30.05 -12.14 -9.08
C GLN D 26 -30.71 -13.41 -9.61
N SER D 27 -30.64 -14.49 -8.83
CA SER D 27 -31.08 -15.79 -9.33
C SER D 27 -31.95 -16.60 -8.39
N SER D 28 -32.89 -17.33 -8.99
CA SER D 28 -33.79 -18.22 -8.25
C SER D 28 -33.31 -19.67 -8.29
N SER D 29 -32.26 -19.91 -9.08
CA SER D 29 -31.70 -21.24 -9.29
C SER D 29 -30.29 -21.06 -9.78
N ASP D 30 -29.34 -21.80 -9.20
CA ASP D 30 -27.96 -21.76 -9.67
C ASP D 30 -27.14 -23.04 -9.44
N GLU D 31 -25.96 -23.07 -10.04
CA GLU D 31 -25.05 -24.22 -9.92
C GLU D 31 -23.62 -23.75 -9.78
N ILE D 32 -22.92 -24.37 -8.85
CA ILE D 32 -21.49 -24.14 -8.64
C ILE D 32 -20.78 -25.49 -8.66
N THR D 33 -19.71 -25.55 -9.45
CA THR D 33 -18.85 -26.71 -9.51
C THR D 33 -17.40 -26.27 -9.41
N LEU D 34 -16.57 -27.12 -8.80
CA LEU D 34 -15.14 -26.91 -8.71
C LEU D 34 -14.45 -28.21 -8.32
N SER D 35 -13.14 -28.26 -8.48
CA SER D 35 -12.36 -29.34 -7.92
C SER D 35 -11.30 -28.73 -7.02
N PHE D 36 -11.06 -29.37 -5.88
CA PHE D 36 -10.03 -28.85 -4.99
C PHE D 36 -8.95 -29.88 -4.65
N LYS D 37 -7.76 -29.40 -4.28
CA LYS D 37 -6.71 -30.28 -3.79
C LYS D 37 -5.91 -29.61 -2.70
N THR D 38 -5.76 -30.28 -1.55
CA THR D 38 -5.16 -29.62 -0.39
C THR D 38 -4.67 -30.64 0.63
N LEU D 39 -3.70 -30.21 1.44
CA LEU D 39 -3.30 -30.97 2.62
C LEU D 39 -3.86 -30.34 3.89
N GLN D 40 -4.38 -29.11 3.79
CA GLN D 40 -4.78 -28.37 4.97
C GLN D 40 -6.24 -28.60 5.33
N ARG D 41 -6.55 -28.56 6.62
CA ARG D 41 -7.88 -28.90 7.12
C ARG D 41 -8.93 -27.80 6.94
N ASN D 42 -8.49 -26.54 6.92
CA ASN D 42 -9.41 -25.42 6.73
C ASN D 42 -8.94 -24.49 5.63
N GLY D 43 -9.90 -23.88 4.93
CA GLY D 43 -9.60 -22.84 3.96
C GLY D 43 -10.79 -22.47 3.09
N LEU D 44 -10.93 -21.18 2.81
CA LEU D 44 -11.99 -20.66 1.94
C LEU D 44 -11.79 -21.07 0.51
N MSE D 45 -12.81 -21.70 -0.08
CA MSE D 45 -12.77 -22.05 -1.48
C MSE D 45 -13.42 -20.97 -2.35
O MSE D 45 -12.87 -20.60 -3.37
CB MSE D 45 -13.46 -23.38 -1.71
CG MSE D 45 -12.81 -24.52 -0.94
SE MSE D 45 -13.65 -26.15 -1.51
CE MSE D 45 -13.59 -27.23 0.15
N LEU D 46 -14.57 -20.48 -1.93
CA LEU D 46 -15.20 -19.39 -2.66
C LEU D 46 -16.26 -18.70 -1.83
N HIS D 47 -16.60 -17.49 -2.23
CA HIS D 47 -17.59 -16.72 -1.52
C HIS D 47 -18.11 -15.63 -2.40
N THR D 48 -19.42 -15.43 -2.36
CA THR D 48 -19.97 -14.20 -2.91
C THR D 48 -21.04 -13.67 -1.97
N GLY D 49 -21.10 -12.35 -1.88
CA GLY D 49 -22.21 -11.71 -1.20
C GLY D 49 -21.92 -11.13 0.16
N LYS D 50 -22.67 -10.09 0.45
CA LYS D 50 -22.63 -9.50 1.74
C LYS D 50 -24.08 -9.38 2.21
N SER D 51 -24.26 -8.72 3.35
CA SER D 51 -25.57 -8.59 3.97
C SER D 51 -26.10 -9.96 4.31
N ALA D 52 -27.34 -10.26 3.91
CA ALA D 52 -27.95 -11.52 4.30
C ALA D 52 -28.05 -12.48 3.11
N ASP D 53 -27.45 -12.07 1.98
CA ASP D 53 -27.44 -12.89 0.76
C ASP D 53 -26.01 -13.27 0.43
N TYR D 54 -25.69 -14.54 0.62
CA TYR D 54 -24.35 -15.06 0.36
C TYR D 54 -24.34 -16.55 0.10
N VAL D 55 -23.25 -16.98 -0.51
CA VAL D 55 -22.92 -18.38 -0.66
C VAL D 55 -21.48 -18.48 -0.19
N ASN D 56 -21.21 -19.35 0.78
CA ASN D 56 -19.87 -19.49 1.30
C ASN D 56 -19.45 -20.95 1.19
N LEU D 57 -18.31 -21.22 0.56
CA LEU D 57 -17.83 -22.61 0.41
C LEU D 57 -16.42 -22.67 0.92
N ALA D 58 -16.18 -23.61 1.83
CA ALA D 58 -14.89 -23.73 2.51
C ALA D 58 -14.61 -25.18 2.88
N LEU D 59 -13.35 -25.45 3.22
CA LEU D 59 -13.03 -26.68 3.92
C LEU D 59 -12.95 -26.30 5.39
N LYS D 60 -13.65 -27.05 6.23
CA LYS D 60 -13.73 -26.72 7.63
C LYS D 60 -13.54 -28.02 8.43
N ASN D 61 -12.45 -28.08 9.18
CA ASN D 61 -12.02 -29.30 9.88
C ASN D 61 -12.05 -30.53 8.97
N GLY D 62 -11.56 -30.36 7.75
CA GLY D 62 -11.50 -31.45 6.78
C GLY D 62 -12.80 -31.72 6.05
N ALA D 63 -13.87 -31.03 6.42
CA ALA D 63 -15.20 -31.22 5.81
C ALA D 63 -15.54 -30.12 4.81
N VAL D 64 -16.35 -30.44 3.79
CA VAL D 64 -16.78 -29.41 2.86
C VAL D 64 -17.93 -28.65 3.51
N SER D 65 -17.69 -27.36 3.74
CA SER D 65 -18.68 -26.51 4.39
C SER D 65 -19.37 -25.63 3.37
N LEU D 66 -20.69 -25.67 3.39
CA LEU D 66 -21.54 -24.82 2.56
C LEU D 66 -22.57 -24.11 3.41
N VAL D 67 -22.65 -22.79 3.22
CA VAL D 67 -23.62 -21.95 3.89
C VAL D 67 -24.21 -21.11 2.76
N ILE D 68 -25.53 -21.15 2.60
CA ILE D 68 -26.21 -20.30 1.64
C ILE D 68 -27.33 -19.59 2.33
N ASN D 69 -27.35 -18.27 2.22
CA ASN D 69 -28.45 -17.45 2.71
C ASN D 69 -29.00 -16.65 1.54
N LEU D 70 -30.33 -16.68 1.36
CA LEU D 70 -31.03 -15.92 0.30
C LEU D 70 -31.69 -14.65 0.84
N GLY D 71 -31.52 -14.42 2.13
CA GLY D 71 -31.98 -13.18 2.72
C GLY D 71 -32.85 -13.39 3.93
N SER D 72 -33.31 -14.63 4.12
CA SER D 72 -34.23 -14.93 5.21
C SER D 72 -33.77 -16.12 6.06
N GLY D 73 -32.45 -16.34 6.09
CA GLY D 73 -31.83 -17.34 6.95
C GLY D 73 -31.17 -18.46 6.19
N ALA D 74 -30.07 -18.96 6.75
CA ALA D 74 -29.17 -19.83 6.01
C ALA D 74 -29.56 -21.29 5.94
N PHE D 75 -29.11 -21.95 4.88
CA PHE D 75 -28.99 -23.39 4.87
C PHE D 75 -27.50 -23.68 5.13
N GLU D 76 -27.21 -24.53 6.11
CA GLU D 76 -25.87 -25.03 6.36
C GLU D 76 -25.71 -26.53 6.10
N ALA D 77 -24.64 -26.89 5.37
CA ALA D 77 -24.22 -28.28 5.21
C ALA D 77 -22.72 -28.43 5.44
N LEU D 78 -22.35 -29.52 6.07
CA LEU D 78 -20.97 -29.86 6.34
C LEU D 78 -20.82 -31.31 5.95
N VAL D 79 -20.14 -31.55 4.84
CA VAL D 79 -20.00 -32.91 4.30
C VAL D 79 -18.69 -33.57 4.77
N GLU D 80 -18.82 -34.69 5.47
CA GLU D 80 -17.68 -35.45 5.96
C GLU D 80 -17.23 -36.47 4.91
N PRO D 81 -15.93 -36.78 4.85
CA PRO D 81 -15.46 -37.87 4.00
C PRO D 81 -15.88 -39.22 4.56
N VAL D 82 -16.01 -40.21 3.68
CA VAL D 82 -16.20 -41.60 4.09
C VAL D 82 -15.01 -42.42 3.58
N ASN D 83 -14.37 -43.13 4.51
CA ASN D 83 -13.16 -43.90 4.20
C ASN D 83 -12.03 -43.09 3.56
N GLY D 84 -11.68 -41.97 4.19
CA GLY D 84 -10.58 -41.14 3.72
C GLY D 84 -10.63 -39.73 4.25
N LYS D 85 -9.78 -38.86 3.69
CA LYS D 85 -9.82 -37.44 4.02
C LYS D 85 -10.08 -36.65 2.74
N PHE D 86 -10.66 -35.46 2.88
CA PHE D 86 -10.71 -34.53 1.76
C PHE D 86 -9.39 -33.77 1.64
N ASN D 87 -8.68 -33.63 2.76
CA ASN D 87 -7.35 -33.03 2.75
C ASN D 87 -6.25 -34.07 2.53
N ASP D 88 -6.38 -34.85 1.47
CA ASP D 88 -5.47 -35.95 1.18
C ASP D 88 -4.58 -35.69 -0.02
N ASN D 89 -4.52 -34.44 -0.47
CA ASN D 89 -3.64 -34.05 -1.57
C ASN D 89 -4.07 -34.70 -2.91
N ALA D 90 -5.34 -35.05 -3.02
CA ALA D 90 -5.89 -35.55 -4.29
C ALA D 90 -7.10 -34.71 -4.65
N TRP D 91 -7.51 -34.71 -5.91
CA TRP D 91 -8.60 -33.84 -6.39
C TRP D 91 -9.95 -34.37 -5.98
N HIS D 92 -10.78 -33.48 -5.44
CA HIS D 92 -12.17 -33.80 -5.08
C HIS D 92 -13.07 -32.79 -5.78
N ASP D 93 -14.15 -33.31 -6.37
CA ASP D 93 -15.09 -32.55 -7.18
C ASP D 93 -16.29 -32.18 -6.34
N VAL D 94 -16.60 -30.90 -6.31
CA VAL D 94 -17.77 -30.37 -5.60
C VAL D 94 -18.81 -29.85 -6.59
N LYS D 95 -20.07 -30.15 -6.32
CA LYS D 95 -21.16 -29.61 -7.12
C LYS D 95 -22.26 -29.15 -6.17
N VAL D 96 -22.62 -27.88 -6.28
CA VAL D 96 -23.67 -27.32 -5.46
C VAL D 96 -24.79 -26.89 -6.38
N THR D 97 -25.98 -27.37 -6.10
CA THR D 97 -27.14 -27.06 -6.92
C THR D 97 -28.23 -26.44 -6.06
N ARG D 98 -28.85 -25.39 -6.60
CA ARG D 98 -29.95 -24.75 -5.90
C ARG D 98 -31.12 -24.42 -6.82
N ASN D 99 -32.31 -24.83 -6.41
CA ASN D 99 -33.53 -24.31 -7.00
C ASN D 99 -34.38 -23.73 -5.90
N LEU D 100 -34.68 -22.43 -6.04
CA LEU D 100 -35.37 -21.65 -5.02
C LEU D 100 -34.68 -21.87 -3.68
N ARG D 101 -35.38 -22.47 -2.73
CA ARG D 101 -34.82 -22.71 -1.41
C ARG D 101 -34.18 -24.09 -1.25
N GLN D 102 -34.45 -25.01 -2.17
CA GLN D 102 -33.90 -26.36 -2.10
C GLN D 102 -32.44 -26.35 -2.58
N VAL D 103 -31.53 -26.79 -1.71
CA VAL D 103 -30.08 -26.77 -1.99
C VAL D 103 -29.52 -28.19 -1.89
N THR D 104 -28.74 -28.59 -2.89
CA THR D 104 -28.05 -29.88 -2.87
C THR D 104 -26.55 -29.68 -3.06
N ILE D 105 -25.76 -30.41 -2.27
CA ILE D 105 -24.32 -30.43 -2.49
C ILE D 105 -23.83 -31.87 -2.56
N SER D 106 -23.01 -32.16 -3.56
CA SER D 106 -22.33 -33.44 -3.58
C SER D 106 -20.82 -33.28 -3.76
N VAL D 107 -20.08 -34.20 -3.13
CA VAL D 107 -18.63 -34.29 -3.28
C VAL D 107 -18.32 -35.64 -3.89
N ASP D 108 -17.48 -35.62 -4.93
CA ASP D 108 -17.04 -36.81 -5.66
C ASP D 108 -18.22 -37.62 -6.16
N GLY D 109 -19.33 -36.93 -6.43
CA GLY D 109 -20.56 -37.54 -6.91
C GLY D 109 -21.34 -38.33 -5.87
N ILE D 110 -20.62 -39.02 -5.00
CA ILE D 110 -21.20 -40.07 -4.15
C ILE D 110 -21.72 -39.56 -2.81
N LEU D 111 -21.15 -38.46 -2.32
CA LEU D 111 -21.52 -37.92 -1.01
C LEU D 111 -22.44 -36.74 -1.25
N THR D 112 -23.64 -36.78 -0.67
CA THR D 112 -24.70 -35.83 -1.01
C THR D 112 -25.46 -35.39 0.23
N THR D 113 -25.81 -34.11 0.28
CA THR D 113 -26.70 -33.56 1.31
C THR D 113 -27.69 -32.61 0.64
N THR D 114 -28.95 -32.69 1.06
CA THR D 114 -30.03 -31.79 0.60
C THR D 114 -30.72 -31.14 1.80
N GLY D 115 -31.15 -29.90 1.60
CA GLY D 115 -31.89 -29.18 2.63
C GLY D 115 -32.44 -27.88 2.07
N TYR D 116 -32.92 -27.03 2.97
CA TYR D 116 -33.58 -25.81 2.57
C TYR D 116 -33.02 -24.62 3.33
N THR D 117 -32.99 -23.48 2.64
CA THR D 117 -32.77 -22.20 3.25
C THR D 117 -34.04 -21.82 4.04
N GLN D 118 -33.90 -20.90 4.97
CA GLN D 118 -34.96 -20.61 5.93
C GLN D 118 -35.99 -19.61 5.45
N GLU D 119 -37.13 -19.59 6.14
CA GLU D 119 -38.27 -18.71 5.84
C GLU D 119 -38.68 -18.79 4.35
N ASP D 120 -38.89 -17.65 3.70
CA ASP D 120 -39.59 -17.61 2.40
C ASP D 120 -38.85 -17.00 1.17
N TYR D 121 -37.69 -16.38 1.38
CA TYR D 121 -36.96 -15.72 0.27
C TYR D 121 -36.38 -16.77 -0.68
N THR D 122 -36.26 -16.42 -1.96
CA THR D 122 -35.82 -17.37 -2.99
C THR D 122 -34.72 -16.87 -3.95
N MSE D 123 -34.44 -15.56 -3.96
CA MSE D 123 -33.46 -14.98 -4.91
C MSE D 123 -32.13 -14.77 -4.21
O MSE D 123 -32.08 -14.14 -3.16
CB MSE D 123 -33.86 -13.59 -5.43
CG MSE D 123 -35.14 -13.44 -6.19
SE MSE D 123 -35.18 -14.47 -7.84
CE MSE D 123 -36.46 -15.78 -7.23
N LEU D 124 -31.05 -15.27 -4.81
CA LEU D 124 -29.73 -14.86 -4.40
C LEU D 124 -29.40 -13.53 -5.08
N GLY D 125 -29.17 -12.48 -4.29
CA GLY D 125 -28.76 -11.20 -4.79
C GLY D 125 -27.34 -10.93 -4.34
N SER D 126 -26.47 -10.58 -5.28
CA SER D 126 -25.07 -10.29 -4.99
C SER D 126 -24.51 -9.37 -6.07
N ASP D 127 -24.18 -8.15 -5.68
CA ASP D 127 -23.73 -7.12 -6.61
C ASP D 127 -22.33 -6.63 -6.31
N ASP D 128 -21.64 -7.31 -5.39
CA ASP D 128 -20.31 -6.88 -4.99
C ASP D 128 -19.22 -7.73 -5.67
N PHE D 129 -18.80 -8.80 -5.01
CA PHE D 129 -17.66 -9.56 -5.48
C PHE D 129 -17.91 -11.03 -5.37
N PHE D 130 -17.28 -11.76 -6.29
CA PHE D 130 -17.17 -13.19 -6.21
C PHE D 130 -15.69 -13.51 -5.93
N TYR D 131 -15.43 -14.02 -4.72
CA TYR D 131 -14.10 -14.42 -4.27
C TYR D 131 -13.85 -15.88 -4.54
N VAL D 132 -12.66 -16.18 -5.03
CA VAL D 132 -12.16 -17.55 -5.14
C VAL D 132 -10.79 -17.69 -4.43
N GLY D 133 -10.67 -18.70 -3.56
CA GLY D 133 -9.40 -19.02 -2.91
C GLY D 133 -9.10 -18.20 -1.67
N GLY D 134 -9.87 -17.14 -1.45
CA GLY D 134 -9.66 -16.27 -0.30
C GLY D 134 -10.30 -14.92 -0.51
N SER D 135 -9.96 -13.97 0.37
CA SER D 135 -10.55 -12.64 0.37
C SER D 135 -9.69 -11.70 1.24
N PRO D 136 -9.97 -10.39 1.21
CA PRO D 136 -9.26 -9.42 2.03
C PRO D 136 -9.28 -9.73 3.52
N SER D 137 -10.36 -10.33 4.00
CA SER D 137 -10.51 -10.71 5.41
C SER D 137 -11.56 -11.80 5.55
N THR D 138 -11.09 -13.05 5.48
CA THR D 138 -11.94 -14.23 5.36
C THR D 138 -12.82 -14.49 6.59
N ALA D 139 -12.30 -14.17 7.76
CA ALA D 139 -13.06 -14.36 9.01
C ALA D 139 -14.36 -13.57 9.04
N ASP D 140 -14.38 -12.42 8.36
CA ASP D 140 -15.50 -11.47 8.40
C ASP D 140 -16.49 -11.62 7.23
N LEU D 141 -16.27 -12.61 6.38
CA LEU D 141 -17.28 -12.96 5.37
C LEU D 141 -18.50 -13.55 6.05
N PRO D 142 -19.70 -13.08 5.70
CA PRO D 142 -20.93 -13.64 6.25
C PRO D 142 -21.04 -15.16 6.00
N GLY D 143 -21.28 -15.93 7.06
CA GLY D 143 -21.38 -17.38 6.94
C GLY D 143 -20.06 -18.15 7.03
N SER D 144 -18.94 -17.44 6.96
CA SER D 144 -17.63 -18.12 6.91
C SER D 144 -17.29 -18.80 8.24
N PRO D 145 -16.98 -20.09 8.19
CA PRO D 145 -16.60 -20.84 9.39
C PRO D 145 -15.08 -20.88 9.58
N VAL D 146 -14.35 -20.25 8.65
CA VAL D 146 -12.89 -20.28 8.69
C VAL D 146 -12.35 -18.85 8.59
N SER D 147 -11.09 -18.67 8.97
CA SER D 147 -10.37 -17.40 8.83
C SER D 147 -9.25 -17.44 7.79
N ASN D 148 -9.00 -18.64 7.24
CA ASN D 148 -7.89 -18.88 6.32
C ASN D 148 -8.32 -18.83 4.87
N ASN D 149 -7.56 -18.11 4.05
CA ASN D 149 -7.58 -18.29 2.61
C ASN D 149 -7.13 -19.71 2.25
N PHE D 150 -7.41 -20.15 1.03
CA PHE D 150 -7.11 -21.52 0.63
C PHE D 150 -5.61 -21.79 0.53
N MSE D 151 -5.23 -23.00 0.92
CA MSE D 151 -3.86 -23.50 0.78
C MSE D 151 -3.92 -24.85 0.08
O MSE D 151 -4.20 -25.88 0.70
CB MSE D 151 -3.15 -23.60 2.14
CG MSE D 151 -3.06 -22.25 2.85
SE MSE D 151 -2.22 -22.30 4.59
CE MSE D 151 -3.76 -23.02 5.72
N GLY D 152 -3.67 -24.81 -1.22
CA GLY D 152 -3.93 -25.94 -2.10
C GLY D 152 -4.21 -25.38 -3.49
N CYS D 153 -4.78 -26.22 -4.35
CA CYS D 153 -5.08 -25.81 -5.71
C CYS D 153 -6.59 -25.83 -5.94
N LEU D 154 -7.04 -24.92 -6.80
CA LEU D 154 -8.42 -24.91 -7.25
C LEU D 154 -8.49 -25.03 -8.75
N LYS D 155 -9.42 -25.85 -9.25
CA LYS D 155 -9.64 -25.93 -10.71
C LYS D 155 -11.11 -25.93 -11.13
N GLU D 156 -11.36 -25.44 -12.35
CA GLU D 156 -12.64 -25.50 -13.04
C GLU D 156 -13.78 -24.87 -12.23
N VAL D 157 -13.48 -23.84 -11.46
CA VAL D 157 -14.50 -23.15 -10.69
C VAL D 157 -15.48 -22.48 -11.66
N VAL D 158 -16.74 -22.84 -11.53
CA VAL D 158 -17.76 -22.31 -12.41
C VAL D 158 -18.94 -21.90 -11.54
N TYR D 159 -19.42 -20.68 -11.74
CA TYR D 159 -20.76 -20.30 -11.29
C TYR D 159 -21.66 -20.11 -12.50
N LYS D 160 -22.84 -20.70 -12.45
CA LYS D 160 -23.81 -20.47 -13.50
C LYS D 160 -25.25 -20.47 -13.00
N ASN D 161 -26.10 -19.73 -13.70
CA ASN D 161 -27.54 -19.83 -13.51
C ASN D 161 -28.25 -19.97 -14.87
N ASN D 162 -29.52 -19.59 -14.95
CA ASN D 162 -30.23 -19.66 -16.23
C ASN D 162 -29.81 -18.51 -17.16
N ASP D 163 -29.29 -17.43 -16.57
CA ASP D 163 -28.94 -16.21 -17.32
C ASP D 163 -27.45 -16.02 -17.61
N VAL D 164 -26.60 -16.56 -16.74
CA VAL D 164 -25.18 -16.26 -16.79
C VAL D 164 -24.29 -17.47 -16.49
N ARG D 165 -23.11 -17.50 -17.10
CA ARG D 165 -22.11 -18.52 -16.82
C ARG D 165 -20.75 -17.86 -16.56
N LEU D 166 -20.27 -17.98 -15.32
CA LEU D 166 -18.97 -17.39 -14.91
C LEU D 166 -17.93 -18.50 -14.67
N GLU D 167 -17.04 -18.66 -15.64
CA GLU D 167 -15.99 -19.65 -15.58
C GLU D 167 -14.81 -18.99 -14.89
N LEU D 168 -14.89 -18.91 -13.55
CA LEU D 168 -13.98 -18.11 -12.73
C LEU D 168 -12.51 -18.51 -12.90
N SER D 169 -12.24 -19.81 -12.83
CA SER D 169 -10.90 -20.33 -13.11
C SER D 169 -10.37 -19.90 -14.48
N ARG D 170 -11.19 -20.07 -15.51
CA ARG D 170 -10.75 -19.69 -16.83
C ARG D 170 -10.42 -18.19 -16.87
N LEU D 171 -11.32 -17.38 -16.32
CA LEU D 171 -11.18 -15.93 -16.29
C LEU D 171 -9.94 -15.42 -15.55
N ALA D 172 -9.55 -16.11 -14.49
CA ALA D 172 -8.35 -15.76 -13.74
C ALA D 172 -7.13 -15.99 -14.62
N LYS D 173 -7.12 -17.13 -15.29
CA LYS D 173 -6.04 -17.55 -16.18
C LYS D 173 -5.94 -16.71 -17.45
N GLN D 174 -7.08 -16.44 -18.08
CA GLN D 174 -7.10 -15.80 -19.40
C GLN D 174 -7.26 -14.28 -19.32
N GLY D 175 -7.73 -13.80 -18.18
CA GLY D 175 -7.86 -12.37 -17.95
C GLY D 175 -9.21 -11.86 -18.36
N ASP D 176 -9.68 -10.84 -17.65
CA ASP D 176 -11.00 -10.27 -17.84
C ASP D 176 -11.02 -8.94 -17.07
N PRO D 177 -11.66 -7.91 -17.63
CA PRO D 177 -11.77 -6.61 -16.96
C PRO D 177 -12.32 -6.63 -15.56
N LYS D 178 -13.16 -7.61 -15.25
CA LYS D 178 -13.84 -7.66 -13.95
C LYS D 178 -13.14 -8.59 -12.96
N MSE D 179 -12.07 -9.22 -13.43
CA MSE D 179 -11.32 -10.21 -12.64
C MSE D 179 -9.96 -9.64 -12.27
O MSE D 179 -9.23 -9.13 -13.13
CB MSE D 179 -11.20 -11.51 -13.43
CG MSE D 179 -10.31 -12.57 -12.82
SE MSE D 179 -11.09 -13.25 -11.21
CE MSE D 179 -12.38 -14.55 -11.92
N LYS D 180 -9.66 -9.70 -10.98
CA LYS D 180 -8.37 -9.31 -10.44
C LYS D 180 -7.84 -10.43 -9.52
N ILE D 181 -6.56 -10.71 -9.65
CA ILE D 181 -5.81 -11.59 -8.76
C ILE D 181 -5.09 -10.73 -7.73
N HIS D 182 -5.30 -11.06 -6.47
CA HIS D 182 -4.70 -10.37 -5.34
C HIS D 182 -3.73 -11.30 -4.64
N GLY D 183 -2.90 -10.73 -3.76
CA GLY D 183 -1.91 -11.49 -3.00
C GLY D 183 -0.68 -11.88 -3.81
N VAL D 184 -0.39 -11.10 -4.85
CA VAL D 184 0.68 -11.42 -5.81
C VAL D 184 0.08 -12.18 -6.98
CA CA E . 14.53 15.07 -15.26
C1 GOL F . 41.99 15.86 -7.86
O1 GOL F . 42.67 15.49 -6.69
C2 GOL F . 41.09 14.73 -8.31
O2 GOL F . 40.26 14.27 -7.26
C3 GOL F . 40.24 15.27 -9.44
O3 GOL F . 39.72 14.17 -10.16
C1 GOL G . 44.56 20.97 -2.77
O1 GOL G . 45.82 20.62 -3.31
C2 GOL G . 44.60 22.38 -2.20
O2 GOL G . 43.85 23.25 -3.05
C3 GOL G . 44.02 22.34 -0.80
O3 GOL G . 44.45 23.47 -0.07
CA CA H . -17.78 8.53 -30.68
C1 GOL I . -16.42 21.74 -5.23
O1 GOL I . -15.73 22.94 -4.97
C2 GOL I . -17.29 22.04 -6.45
O2 GOL I . -16.48 22.37 -7.57
C3 GOL I . -18.19 20.86 -6.75
O3 GOL I . -18.90 21.17 -7.92
CA CA J . 7.91 -25.44 15.76
CA CA K . -32.53 -12.49 -1.61
C1 GOL L . -35.48 -9.96 8.08
O1 GOL L . -35.40 -9.28 9.31
C2 GOL L . -36.19 -11.28 8.27
O2 GOL L . -37.52 -11.15 8.72
C3 GOL L . -36.05 -12.13 7.01
O3 GOL L . -35.54 -13.33 7.52
#